data_1H15
#
_entry.id   1H15
#
_cell.length_a   179.244
_cell.length_b   179.244
_cell.length_c   92.884
_cell.angle_alpha   90.00
_cell.angle_beta   90.00
_cell.angle_gamma   120.00
#
_symmetry.space_group_name_H-M   'P 65'
#
loop_
_entity.id
_entity.type
_entity.pdbx_description
1 polymer 'HLA CLASS II HISTOCOMPATIBILITY ANTIGEN, DR ALPHA CHAIN'
2 polymer 'HLA CLASS II HISTOCOMPATIBILITY ANTIGEN, DR BETA 1 CHAIN'
3 polymer 'DNA POLYMERASE'
4 branched 2-acetamido-2-deoxy-beta-D-glucopyranose-(1-4)-2-acetamido-2-deoxy-beta-D-glucopyranose
5 non-polymer 2-acetamido-2-deoxy-beta-D-glucopyranose
6 water water
#
loop_
_entity_poly.entity_id
_entity_poly.type
_entity_poly.pdbx_seq_one_letter_code
_entity_poly.pdbx_strand_id
1 'polypeptide(L)'
;IKEEHVIIQAEFYLNPDQSGEFMFDFDGDEIFHVDMAKKETVWRLEEFGRFASFEAQGALANIAVDKANLEIMTKRSNYT
PITNVPPEVTVLTNSPVELREPNVLICFIDKFTPPVVNVTWLRNGKPVTTGVSETVFLPREDHLFRKFHYLPFLPSTEDV
YDCRVEHWGLDEPLLKHWEFDA
;
A,D
2 'polypeptide(L)'
;GDTRPRFLQQDKYECHFFNGTERVRFLHRDIYNQEEDLRFDSDVGEYRAVTELGRPDAEYWNSQKDFLEDRRAAVDTYCR
HNYGVGESFTVQRRVEPKVTVYPARTQTLQHHNLLVCSVNGFYPGSIEVRWFRNSQEEKAGVVSTGLIQNGDWTFQTLVM
LETVPRSGEVYTCQVEHPSVTSPLTVEWRA
;
B,E
3 'polypeptide(L)' GGVYHFVKKHVHES C,F
#
loop_
_chem_comp.id
_chem_comp.type
_chem_comp.name
_chem_comp.formula
NAG D-saccharide, beta linking 2-acetamido-2-deoxy-beta-D-glucopyranose 'C8 H15 N O6'
#
# COMPACT_ATOMS: atom_id res chain seq x y z
N GLU A 3 3.91 10.86 20.78
CA GLU A 3 2.42 11.02 20.82
C GLU A 3 1.71 9.90 21.62
N GLU A 4 0.54 10.22 22.12
CA GLU A 4 -0.20 9.25 22.90
C GLU A 4 -1.51 8.80 22.28
N HIS A 5 -2.32 9.76 21.85
CA HIS A 5 -3.60 9.40 21.25
C HIS A 5 -4.01 10.46 20.25
N VAL A 6 -5.04 10.14 19.47
CA VAL A 6 -5.55 11.08 18.51
C VAL A 6 -7.00 10.81 18.24
N ILE A 7 -7.78 11.85 18.32
CA ILE A 7 -9.19 11.71 18.06
C ILE A 7 -9.40 12.55 16.83
N ILE A 8 -10.12 11.96 15.88
CA ILE A 8 -10.36 12.63 14.62
C ILE A 8 -11.84 12.67 14.28
N GLN A 9 -12.32 13.86 13.95
CA GLN A 9 -13.69 14.01 13.49
C GLN A 9 -13.39 13.96 12.02
N ALA A 10 -13.83 12.91 11.34
CA ALA A 10 -13.54 12.77 9.91
C ALA A 10 -14.81 12.70 9.10
N GLU A 11 -14.85 13.48 8.02
CA GLU A 11 -16.03 13.51 7.14
C GLU A 11 -15.65 13.70 5.67
N PHE A 12 -16.53 13.26 4.76
CA PHE A 12 -16.24 13.41 3.34
C PHE A 12 -17.47 13.40 2.45
N TYR A 13 -17.42 14.14 1.36
CA TYR A 13 -18.52 14.15 0.42
C TYR A 13 -17.97 13.76 -0.93
N LEU A 14 -18.74 12.95 -1.66
CA LEU A 14 -18.31 12.48 -2.97
C LEU A 14 -19.27 12.79 -4.09
N ASN A 15 -18.86 13.64 -5.02
CA ASN A 15 -19.70 13.91 -6.18
C ASN A 15 -19.13 13.06 -7.32
N PRO A 16 -19.97 12.64 -8.27
CA PRO A 16 -21.41 12.85 -8.43
C PRO A 16 -22.29 11.92 -7.61
N ASP A 17 -21.69 10.88 -7.04
CA ASP A 17 -22.45 9.91 -6.26
C ASP A 17 -23.30 10.49 -5.12
N GLN A 18 -22.99 11.72 -4.72
CA GLN A 18 -23.72 12.40 -3.67
C GLN A 18 -23.87 11.58 -2.41
N SER A 19 -22.74 11.05 -1.96
CA SER A 19 -22.69 10.27 -0.74
C SER A 19 -21.62 10.90 0.15
N GLY A 20 -21.92 10.98 1.44
CA GLY A 20 -20.97 11.54 2.37
C GLY A 20 -20.85 10.63 3.59
N GLU A 21 -20.15 11.10 4.60
CA GLU A 21 -19.99 10.32 5.81
C GLU A 21 -19.45 11.21 6.91
N PHE A 22 -19.93 10.98 8.13
CA PHE A 22 -19.50 11.73 9.30
C PHE A 22 -19.21 10.67 10.34
N MET A 23 -17.99 10.66 10.85
CA MET A 23 -17.63 9.68 11.87
C MET A 23 -16.46 10.12 12.75
N PHE A 24 -16.44 9.65 13.99
CA PHE A 24 -15.38 9.96 14.93
C PHE A 24 -14.46 8.76 15.07
N ASP A 25 -13.17 9.00 14.96
CA ASP A 25 -12.22 7.91 15.05
C ASP A 25 -11.29 8.14 16.22
N PHE A 26 -11.11 7.12 17.05
CA PHE A 26 -10.22 7.22 18.20
C PHE A 26 -9.05 6.26 18.00
N ASP A 27 -7.86 6.80 17.82
CA ASP A 27 -6.70 5.95 17.65
C ASP A 27 -6.93 4.80 16.67
N GLY A 28 -7.48 5.10 15.50
CA GLY A 28 -7.69 4.06 14.51
C GLY A 28 -9.04 3.37 14.45
N ASP A 29 -9.68 3.14 15.59
CA ASP A 29 -11.00 2.50 15.61
C ASP A 29 -12.13 3.53 15.58
N GLU A 30 -13.29 3.10 15.10
CA GLU A 30 -14.44 3.98 14.98
C GLU A 30 -15.16 4.09 16.32
N ILE A 31 -15.56 5.30 16.71
CA ILE A 31 -16.30 5.45 17.95
C ILE A 31 -17.77 5.39 17.55
N PHE A 32 -18.13 6.22 16.56
CA PHE A 32 -19.50 6.27 16.03
C PHE A 32 -19.51 7.00 14.70
N HIS A 33 -20.69 7.06 14.08
CA HIS A 33 -20.83 7.76 12.81
C HIS A 33 -22.32 8.04 12.57
N VAL A 34 -22.61 9.16 11.92
CA VAL A 34 -23.98 9.49 11.64
C VAL A 34 -24.43 8.79 10.38
N ASP A 35 -25.50 8.01 10.49
CA ASP A 35 -26.08 7.29 9.36
C ASP A 35 -26.99 8.26 8.61
N MET A 36 -26.48 8.83 7.52
CA MET A 36 -27.24 9.80 6.73
C MET A 36 -28.72 9.48 6.55
N ALA A 37 -29.03 8.38 5.87
CA ALA A 37 -30.41 7.96 5.61
C ALA A 37 -31.27 7.96 6.86
N LYS A 38 -31.04 7.01 7.77
CA LYS A 38 -31.82 6.92 9.00
C LYS A 38 -31.79 8.19 9.82
N LYS A 39 -30.86 9.09 9.48
CA LYS A 39 -30.73 10.38 10.16
C LYS A 39 -30.33 10.23 11.62
N GLU A 40 -29.92 9.04 12.02
CA GLU A 40 -29.52 8.77 13.42
C GLU A 40 -28.03 8.43 13.56
N THR A 41 -27.47 8.68 14.73
CA THR A 41 -26.07 8.36 14.96
C THR A 41 -25.91 6.87 15.34
N VAL A 42 -24.86 6.23 14.84
CA VAL A 42 -24.59 4.81 15.12
C VAL A 42 -23.29 4.61 15.88
N TRP A 43 -23.34 3.84 16.97
CA TRP A 43 -22.14 3.57 17.78
C TRP A 43 -21.56 2.23 17.43
N ARG A 44 -20.23 2.17 17.38
CA ARG A 44 -19.54 0.93 17.02
C ARG A 44 -19.83 -0.16 18.04
N LEU A 45 -19.84 0.24 19.31
CA LEU A 45 -20.11 -0.68 20.41
C LEU A 45 -21.24 -0.15 21.26
N GLU A 46 -22.27 -0.98 21.43
CA GLU A 46 -23.45 -0.63 22.22
C GLU A 46 -23.04 0.18 23.45
N GLU A 47 -22.13 -0.39 24.22
CA GLU A 47 -21.59 0.23 25.43
C GLU A 47 -21.28 1.72 25.26
N PHE A 48 -20.60 2.10 24.18
CA PHE A 48 -20.24 3.50 23.95
C PHE A 48 -21.42 4.44 24.06
N GLY A 49 -22.54 4.05 23.46
CA GLY A 49 -23.73 4.87 23.49
C GLY A 49 -24.27 5.13 24.88
N ARG A 50 -24.37 4.08 25.67
CA ARG A 50 -24.86 4.20 27.03
C ARG A 50 -24.06 5.18 27.89
N PHE A 51 -22.93 5.66 27.40
CA PHE A 51 -22.16 6.59 28.23
C PHE A 51 -21.91 7.95 27.60
N ALA A 52 -22.36 8.15 26.36
CA ALA A 52 -22.17 9.44 25.69
C ALA A 52 -23.20 9.62 24.60
N SER A 53 -23.37 10.85 24.14
CA SER A 53 -24.33 11.15 23.09
C SER A 53 -23.83 12.17 22.10
N PHE A 54 -24.52 12.24 20.96
CA PHE A 54 -24.21 13.16 19.87
C PHE A 54 -25.50 13.42 19.09
N GLU A 55 -25.73 14.67 18.70
CA GLU A 55 -26.95 14.95 17.94
C GLU A 55 -26.72 14.76 16.46
N ALA A 56 -27.16 13.61 15.98
CA ALA A 56 -27.02 13.25 14.59
C ALA A 56 -27.26 14.45 13.67
N GLN A 57 -28.34 15.17 13.91
CA GLN A 57 -28.65 16.31 13.06
C GLN A 57 -27.46 17.21 12.76
N GLY A 58 -26.85 17.77 13.80
CA GLY A 58 -25.72 18.66 13.59
C GLY A 58 -24.69 18.19 12.58
N ALA A 59 -24.56 16.88 12.44
CA ALA A 59 -23.60 16.30 11.51
C ALA A 59 -24.15 16.43 10.11
N LEU A 60 -25.43 16.08 9.94
CA LEU A 60 -26.07 16.20 8.64
C LEU A 60 -25.93 17.62 8.11
N ALA A 61 -25.67 18.54 9.04
CA ALA A 61 -25.50 19.96 8.73
C ALA A 61 -24.14 20.19 8.07
N ASN A 62 -23.10 19.62 8.66
CA ASN A 62 -21.78 19.77 8.10
C ASN A 62 -21.76 19.11 6.73
N ILE A 63 -22.15 17.82 6.69
CA ILE A 63 -22.15 17.09 5.43
C ILE A 63 -22.64 17.94 4.27
N ALA A 64 -23.68 18.73 4.51
CA ALA A 64 -24.26 19.57 3.46
C ALA A 64 -23.39 20.77 3.09
N VAL A 65 -22.74 21.36 4.08
CA VAL A 65 -21.88 22.49 3.81
C VAL A 65 -20.61 21.97 3.16
N ASP A 66 -20.39 20.67 3.29
CA ASP A 66 -19.24 20.02 2.68
C ASP A 66 -19.53 19.92 1.20
N LYS A 67 -20.70 19.36 0.86
CA LYS A 67 -21.12 19.20 -0.53
C LYS A 67 -20.95 20.54 -1.24
N ALA A 68 -21.21 21.61 -0.51
CA ALA A 68 -21.10 22.95 -1.06
C ALA A 68 -19.64 23.26 -1.34
N ASN A 69 -18.87 23.38 -0.27
CA ASN A 69 -17.46 23.67 -0.39
C ASN A 69 -16.80 22.81 -1.43
N LEU A 70 -17.32 21.60 -1.63
CA LEU A 70 -16.78 20.68 -2.62
C LEU A 70 -16.91 21.24 -4.01
N GLU A 71 -18.14 21.62 -4.37
CA GLU A 71 -18.43 22.15 -5.68
C GLU A 71 -17.57 23.38 -5.94
N ILE A 72 -17.37 24.19 -4.91
CA ILE A 72 -16.56 25.37 -5.09
C ILE A 72 -15.12 24.94 -5.35
N MET A 73 -14.69 23.91 -4.63
CA MET A 73 -13.33 23.40 -4.74
C MET A 73 -13.13 22.64 -6.04
N THR A 74 -14.22 22.12 -6.61
CA THR A 74 -14.12 21.43 -7.88
C THR A 74 -13.75 22.51 -8.89
N LYS A 75 -14.70 23.41 -9.18
CA LYS A 75 -14.47 24.50 -10.13
C LYS A 75 -13.08 25.08 -9.98
N ARG A 76 -12.78 25.59 -8.79
CA ARG A 76 -11.51 26.23 -8.52
C ARG A 76 -10.29 25.44 -8.99
N SER A 77 -10.45 24.17 -9.32
CA SER A 77 -9.29 23.40 -9.78
C SER A 77 -9.44 22.92 -11.22
N ASN A 78 -10.34 23.56 -11.96
CA ASN A 78 -10.61 23.19 -13.35
C ASN A 78 -11.00 21.72 -13.41
N TYR A 79 -12.04 21.39 -12.66
CA TYR A 79 -12.60 20.04 -12.60
C TYR A 79 -11.63 18.87 -12.79
N THR A 80 -10.61 18.78 -11.95
CA THR A 80 -9.70 17.65 -12.09
C THR A 80 -10.22 16.57 -11.14
N PRO A 81 -10.55 15.41 -11.71
CA PRO A 81 -11.07 14.27 -10.96
C PRO A 81 -10.05 13.59 -10.11
N ILE A 82 -10.58 12.74 -9.25
CA ILE A 82 -9.78 11.97 -8.34
C ILE A 82 -9.09 10.87 -9.14
N THR A 83 -7.95 10.41 -8.66
CA THR A 83 -7.27 9.34 -9.35
C THR A 83 -7.52 8.05 -8.57
N ASN A 84 -8.22 7.11 -9.19
CA ASN A 84 -8.50 5.86 -8.52
C ASN A 84 -7.26 5.17 -8.01
N VAL A 85 -7.36 4.59 -6.82
CA VAL A 85 -6.27 3.86 -6.20
C VAL A 85 -6.94 2.57 -5.78
N PRO A 86 -6.57 1.46 -6.43
CA PRO A 86 -7.07 0.09 -6.21
C PRO A 86 -6.90 -0.41 -4.80
N PRO A 87 -7.85 -1.22 -4.31
CA PRO A 87 -7.76 -1.75 -2.96
C PRO A 87 -6.51 -2.57 -2.75
N GLU A 88 -6.57 -3.38 -1.71
CA GLU A 88 -5.48 -4.22 -1.31
C GLU A 88 -6.31 -5.01 -0.34
N VAL A 89 -6.70 -6.21 -0.74
CA VAL A 89 -7.53 -7.01 0.11
C VAL A 89 -6.75 -8.16 0.75
N THR A 90 -7.11 -8.50 1.98
CA THR A 90 -6.50 -9.61 2.71
C THR A 90 -7.65 -10.27 3.46
N VAL A 91 -7.62 -11.58 3.57
CA VAL A 91 -8.69 -12.25 4.28
C VAL A 91 -8.13 -13.03 5.44
N LEU A 92 -8.38 -12.54 6.64
CA LEU A 92 -7.89 -13.24 7.81
C LEU A 92 -9.06 -13.76 8.59
N THR A 93 -8.72 -14.65 9.52
CA THR A 93 -9.72 -15.24 10.37
C THR A 93 -9.53 -14.53 11.68
N ASN A 94 -10.64 -14.21 12.35
CA ASN A 94 -10.60 -13.51 13.62
C ASN A 94 -9.73 -14.13 14.71
N SER A 95 -9.93 -15.42 14.94
CA SER A 95 -9.14 -16.11 15.94
C SER A 95 -8.72 -17.43 15.32
N PRO A 96 -7.75 -18.15 15.92
CA PRO A 96 -7.30 -19.42 15.37
C PRO A 96 -8.45 -20.36 15.06
N VAL A 97 -8.56 -20.71 13.79
CA VAL A 97 -9.61 -21.57 13.27
C VAL A 97 -9.49 -23.03 13.64
N GLU A 98 -10.45 -23.52 14.41
CA GLU A 98 -10.44 -24.92 14.74
C GLU A 98 -11.81 -25.48 14.44
N LEU A 99 -11.81 -26.66 13.84
CA LEU A 99 -13.03 -27.31 13.43
C LEU A 99 -14.24 -27.20 14.33
N ARG A 100 -15.40 -27.05 13.70
CA ARG A 100 -16.68 -26.93 14.37
C ARG A 100 -16.73 -25.94 15.54
N GLU A 101 -15.82 -24.98 15.54
CA GLU A 101 -15.79 -24.00 16.61
C GLU A 101 -15.99 -22.63 16.01
N PRO A 102 -17.11 -21.96 16.35
CA PRO A 102 -17.47 -20.62 15.87
C PRO A 102 -16.27 -19.69 15.65
N ASN A 103 -16.36 -18.84 14.64
CA ASN A 103 -15.30 -17.90 14.34
C ASN A 103 -15.80 -16.84 13.35
N VAL A 104 -14.92 -15.95 12.91
CA VAL A 104 -15.30 -14.91 11.96
C VAL A 104 -14.23 -14.69 10.90
N LEU A 105 -14.69 -14.45 9.68
CA LEU A 105 -13.78 -14.18 8.58
C LEU A 105 -13.81 -12.66 8.44
N ILE A 106 -12.64 -12.05 8.30
CA ILE A 106 -12.55 -10.61 8.15
C ILE A 106 -11.97 -10.32 6.78
N CYS A 107 -12.75 -9.66 5.92
CA CYS A 107 -12.21 -9.28 4.62
C CYS A 107 -11.77 -7.85 4.86
N PHE A 108 -10.46 -7.67 4.94
CA PHE A 108 -9.88 -6.36 5.23
C PHE A 108 -9.35 -5.62 3.99
N ILE A 109 -10.16 -4.69 3.48
CA ILE A 109 -9.84 -3.86 2.31
C ILE A 109 -9.07 -2.59 2.74
N ASP A 110 -7.85 -2.38 2.22
CA ASP A 110 -6.99 -1.25 2.60
C ASP A 110 -6.47 -0.37 1.46
N LYS A 111 -5.88 0.76 1.83
CA LYS A 111 -5.29 1.74 0.91
C LYS A 111 -5.97 2.08 -0.41
N PHE A 112 -7.23 2.48 -0.38
CA PHE A 112 -7.91 2.85 -1.61
C PHE A 112 -8.61 4.23 -1.58
N THR A 113 -9.28 4.56 -2.67
CA THR A 113 -10.00 5.81 -2.86
C THR A 113 -10.26 5.85 -4.36
N PRO A 114 -11.40 6.43 -4.79
CA PRO A 114 -12.45 7.06 -4.00
C PRO A 114 -13.10 6.05 -3.08
N PRO A 115 -13.68 6.53 -1.96
CA PRO A 115 -14.34 5.67 -0.98
C PRO A 115 -15.59 5.00 -1.52
N VAL A 116 -15.43 4.10 -2.47
CA VAL A 116 -16.56 3.40 -3.06
C VAL A 116 -16.10 2.01 -3.48
N VAL A 117 -16.79 1.00 -2.97
CA VAL A 117 -16.42 -0.37 -3.27
C VAL A 117 -17.51 -1.35 -2.87
N ASN A 118 -17.82 -2.31 -3.75
CA ASN A 118 -18.82 -3.37 -3.52
C ASN A 118 -18.09 -4.60 -3.02
N VAL A 119 -18.59 -5.20 -1.94
CA VAL A 119 -17.93 -6.37 -1.38
C VAL A 119 -18.89 -7.54 -1.18
N THR A 120 -18.54 -8.71 -1.70
CA THR A 120 -19.41 -9.88 -1.56
C THR A 120 -18.72 -11.11 -0.98
N TRP A 121 -19.41 -11.79 -0.09
CA TRP A 121 -18.86 -13.00 0.49
C TRP A 121 -19.43 -14.15 -0.35
N LEU A 122 -18.59 -15.14 -0.60
CA LEU A 122 -18.98 -16.29 -1.38
C LEU A 122 -18.53 -17.58 -0.70
N ARG A 123 -19.47 -18.42 -0.31
CA ARG A 123 -19.11 -19.70 0.28
C ARG A 123 -19.26 -20.69 -0.85
N ASN A 124 -18.14 -21.12 -1.41
CA ASN A 124 -18.18 -22.04 -2.51
C ASN A 124 -18.95 -21.32 -3.60
N GLY A 125 -18.27 -20.36 -4.20
CA GLY A 125 -18.84 -19.59 -5.29
C GLY A 125 -20.27 -19.06 -5.23
N LYS A 126 -20.92 -19.13 -4.08
CA LYS A 126 -22.27 -18.58 -4.04
C LYS A 126 -22.34 -17.44 -3.03
N PRO A 127 -23.11 -16.38 -3.34
CA PRO A 127 -23.18 -15.26 -2.39
C PRO A 127 -23.92 -15.56 -1.11
N VAL A 128 -23.42 -14.98 -0.03
CA VAL A 128 -24.00 -15.12 1.30
C VAL A 128 -24.43 -13.74 1.79
N THR A 129 -25.66 -13.66 2.30
CA THR A 129 -26.24 -12.41 2.80
C THR A 129 -26.84 -12.60 4.17
N THR A 130 -26.03 -13.01 5.13
CA THR A 130 -26.57 -13.21 6.46
C THR A 130 -25.50 -13.12 7.53
N GLY A 131 -25.85 -12.51 8.66
CA GLY A 131 -24.90 -12.38 9.75
C GLY A 131 -23.70 -11.58 9.34
N VAL A 132 -23.61 -11.25 8.06
CA VAL A 132 -22.51 -10.48 7.54
C VAL A 132 -22.63 -9.04 8.01
N SER A 133 -21.49 -8.38 8.19
CA SER A 133 -21.48 -7.00 8.66
C SER A 133 -20.23 -6.26 8.21
N GLU A 134 -20.38 -4.96 7.96
CA GLU A 134 -19.27 -4.14 7.50
C GLU A 134 -19.12 -2.91 8.38
N THR A 135 -18.06 -2.14 8.15
CA THR A 135 -17.82 -0.92 8.91
C THR A 135 -17.88 0.20 7.88
N VAL A 136 -17.99 1.45 8.32
CA VAL A 136 -18.03 2.57 7.39
C VAL A 136 -16.62 2.74 6.82
N PHE A 137 -16.40 3.80 6.04
CA PHE A 137 -15.07 4.04 5.49
C PHE A 137 -14.19 4.76 6.53
N LEU A 138 -13.18 4.06 7.02
CA LEU A 138 -12.27 4.62 8.01
C LEU A 138 -11.10 5.36 7.37
N PRO A 139 -10.76 6.53 7.89
CA PRO A 139 -9.68 7.39 7.42
C PRO A 139 -8.29 6.87 7.69
N ARG A 140 -7.38 7.22 6.78
CA ARG A 140 -5.97 6.86 6.88
C ARG A 140 -5.18 8.16 6.88
N GLU A 141 -3.92 8.10 7.33
CA GLU A 141 -3.09 9.30 7.37
C GLU A 141 -2.72 9.79 5.99
N ASP A 142 -2.91 8.96 4.99
CA ASP A 142 -2.58 9.32 3.61
C ASP A 142 -3.85 9.72 2.86
N HIS A 143 -4.92 9.93 3.61
CA HIS A 143 -6.17 10.36 3.01
C HIS A 143 -6.81 9.34 2.08
N LEU A 144 -6.50 8.08 2.33
CA LEU A 144 -7.11 7.00 1.57
C LEU A 144 -8.13 6.41 2.54
N PHE A 145 -8.56 5.19 2.28
CA PHE A 145 -9.54 4.62 3.17
C PHE A 145 -9.23 3.20 3.53
N ARG A 146 -9.94 2.72 4.52
CA ARG A 146 -9.77 1.37 4.99
C ARG A 146 -11.18 0.93 5.31
N LYS A 147 -11.47 -0.35 5.13
CA LYS A 147 -12.81 -0.82 5.42
C LYS A 147 -12.74 -2.26 5.90
N PHE A 148 -13.78 -2.71 6.57
CA PHE A 148 -13.80 -4.05 7.09
C PHE A 148 -15.12 -4.76 6.81
N HIS A 149 -15.03 -6.05 6.53
CA HIS A 149 -16.22 -6.82 6.33
C HIS A 149 -16.12 -8.04 7.20
N TYR A 150 -17.26 -8.44 7.73
CA TYR A 150 -17.30 -9.57 8.62
C TYR A 150 -18.22 -10.67 8.16
N LEU A 151 -17.76 -11.90 8.32
CA LEU A 151 -18.57 -13.05 7.98
C LEU A 151 -18.34 -14.08 9.02
N PRO A 152 -19.25 -14.21 9.98
CA PRO A 152 -19.08 -15.22 11.01
C PRO A 152 -19.43 -16.55 10.35
N PHE A 153 -18.59 -17.56 10.58
CA PHE A 153 -18.81 -18.87 10.00
C PHE A 153 -18.52 -20.00 10.99
N LEU A 154 -18.54 -21.23 10.49
CA LEU A 154 -18.25 -22.40 11.30
C LEU A 154 -17.25 -23.19 10.49
N PRO A 155 -15.97 -23.12 10.86
CA PRO A 155 -14.88 -23.81 10.18
C PRO A 155 -15.21 -25.24 9.82
N SER A 156 -15.49 -25.48 8.54
CA SER A 156 -15.81 -26.81 8.05
C SER A 156 -14.71 -27.23 7.11
N THR A 157 -14.38 -28.51 7.14
CA THR A 157 -13.32 -29.03 6.28
C THR A 157 -13.70 -29.05 4.81
N GLU A 158 -14.99 -29.17 4.54
CA GLU A 158 -15.47 -29.24 3.17
C GLU A 158 -15.79 -27.90 2.48
N ASP A 159 -15.87 -26.82 3.24
CA ASP A 159 -16.21 -25.50 2.68
C ASP A 159 -15.04 -24.61 2.27
N VAL A 160 -15.33 -23.73 1.31
CA VAL A 160 -14.34 -22.79 0.81
C VAL A 160 -14.99 -21.41 0.68
N TYR A 161 -14.30 -20.37 1.14
CA TYR A 161 -14.84 -19.01 1.08
C TYR A 161 -14.04 -18.07 0.20
N ASP A 162 -14.71 -17.09 -0.39
CA ASP A 162 -14.07 -16.08 -1.22
C ASP A 162 -14.63 -14.69 -0.95
N CYS A 163 -13.74 -13.71 -0.80
CA CYS A 163 -14.18 -12.34 -0.60
C CYS A 163 -13.99 -11.62 -1.92
N ARG A 164 -15.09 -11.34 -2.61
CA ARG A 164 -15.01 -10.66 -3.89
C ARG A 164 -15.16 -9.18 -3.65
N VAL A 165 -14.19 -8.42 -4.13
CA VAL A 165 -14.18 -6.98 -3.97
C VAL A 165 -14.05 -6.27 -5.30
N GLU A 166 -14.99 -5.38 -5.60
CA GLU A 166 -14.89 -4.63 -6.83
C GLU A 166 -14.86 -3.14 -6.59
N HIS A 167 -13.74 -2.53 -6.93
CA HIS A 167 -13.51 -1.10 -6.77
C HIS A 167 -13.20 -0.57 -8.16
N TRP A 168 -13.53 0.68 -8.44
CA TRP A 168 -13.28 1.21 -9.78
C TRP A 168 -11.84 1.12 -10.27
N GLY A 169 -10.88 1.14 -9.35
CA GLY A 169 -9.47 1.07 -9.74
C GLY A 169 -9.02 -0.33 -10.12
N LEU A 170 -9.95 -1.28 -10.04
CA LEU A 170 -9.66 -2.66 -10.40
C LEU A 170 -10.24 -2.88 -11.77
N ASP A 171 -9.50 -3.60 -12.60
CA ASP A 171 -9.93 -3.90 -13.95
C ASP A 171 -11.11 -4.87 -13.90
N GLU A 172 -10.94 -6.01 -13.24
CA GLU A 172 -12.03 -6.95 -13.10
C GLU A 172 -12.13 -7.15 -11.59
N PRO A 173 -13.23 -7.75 -11.09
CA PRO A 173 -13.36 -7.96 -9.64
C PRO A 173 -12.13 -8.64 -9.09
N LEU A 174 -12.05 -8.67 -7.77
CA LEU A 174 -10.91 -9.27 -7.09
C LEU A 174 -11.38 -10.28 -6.07
N LEU A 175 -10.73 -11.43 -6.06
CA LEU A 175 -11.10 -12.47 -5.11
C LEU A 175 -9.96 -12.87 -4.19
N LYS A 176 -10.22 -12.82 -2.89
CA LYS A 176 -9.23 -13.29 -1.97
C LYS A 176 -9.88 -14.57 -1.54
N HIS A 177 -9.08 -15.63 -1.53
CA HIS A 177 -9.56 -16.96 -1.21
C HIS A 177 -9.19 -17.44 0.21
N TRP A 178 -10.05 -18.25 0.80
CA TRP A 178 -9.80 -18.80 2.11
C TRP A 178 -10.50 -20.13 2.25
N GLU A 179 -9.89 -21.04 3.01
CA GLU A 179 -10.46 -22.36 3.27
C GLU A 179 -9.64 -23.01 4.37
N PHE A 180 -10.25 -23.96 5.08
CA PHE A 180 -9.57 -24.65 6.15
C PHE A 180 -8.42 -25.48 5.62
N ASP A 181 -7.24 -25.29 6.23
CA ASP A 181 -6.02 -25.98 5.83
C ASP A 181 -5.38 -25.24 4.65
N ALA A 182 -4.81 -24.07 4.95
CA ALA A 182 -4.17 -23.17 3.98
C ALA A 182 -4.15 -23.62 2.52
N ASP B 2 -17.90 1.95 -14.94
CA ASP B 2 -18.28 3.39 -14.82
C ASP B 2 -17.03 4.26 -14.77
N THR B 3 -16.96 5.24 -15.69
CA THR B 3 -15.79 6.13 -15.77
C THR B 3 -16.03 7.62 -15.55
N ARG B 4 -17.28 8.04 -15.39
CA ARG B 4 -17.55 9.45 -15.15
C ARG B 4 -16.77 9.87 -13.92
N PRO B 5 -15.99 10.95 -14.04
CA PRO B 5 -15.15 11.55 -13.00
C PRO B 5 -15.80 11.72 -11.65
N ARG B 6 -15.02 11.51 -10.59
CA ARG B 6 -15.50 11.69 -9.23
C ARG B 6 -14.66 12.76 -8.57
N PHE B 7 -15.32 13.59 -7.75
CA PHE B 7 -14.65 14.66 -7.03
C PHE B 7 -14.90 14.45 -5.54
N LEU B 8 -13.82 14.40 -4.78
CA LEU B 8 -13.94 14.15 -3.35
C LEU B 8 -13.49 15.27 -2.42
N GLN B 9 -14.30 15.53 -1.40
CA GLN B 9 -14.00 16.54 -0.40
C GLN B 9 -13.81 15.73 0.86
N GLN B 10 -12.72 15.99 1.57
CA GLN B 10 -12.45 15.25 2.79
C GLN B 10 -11.98 16.25 3.87
N ASP B 11 -12.74 16.32 4.96
CA ASP B 11 -12.43 17.22 6.09
C ASP B 11 -12.01 16.45 7.33
N LYS B 12 -10.86 16.80 7.88
CA LYS B 12 -10.37 16.12 9.05
C LYS B 12 -9.99 17.07 10.18
N TYR B 13 -10.59 16.82 11.36
CA TYR B 13 -10.34 17.60 12.57
C TYR B 13 -9.63 16.66 13.54
N GLU B 14 -8.33 16.87 13.74
CA GLU B 14 -7.54 16.02 14.61
C GLU B 14 -7.12 16.66 15.92
N CYS B 15 -7.26 15.89 17.00
CA CYS B 15 -6.88 16.32 18.33
C CYS B 15 -5.80 15.35 18.78
N HIS B 16 -4.57 15.83 18.83
CA HIS B 16 -3.47 14.98 19.24
C HIS B 16 -3.08 15.21 20.71
N PHE B 17 -3.13 14.15 21.50
CA PHE B 17 -2.81 14.26 22.91
C PHE B 17 -1.48 13.61 23.29
N PHE B 18 -0.64 14.37 23.99
CA PHE B 18 0.65 13.86 24.47
C PHE B 18 0.56 13.99 25.99
N ASN B 19 0.94 12.94 26.72
CA ASN B 19 0.85 12.98 28.19
C ASN B 19 -0.58 13.29 28.56
N GLY B 20 -1.48 12.33 28.30
CA GLY B 20 -2.87 12.58 28.62
C GLY B 20 -3.31 13.84 27.91
N THR B 21 -3.65 14.88 28.66
CA THR B 21 -4.09 16.14 28.06
C THR B 21 -3.15 17.29 28.44
N GLU B 22 -1.96 16.91 28.90
CA GLU B 22 -0.93 17.86 29.31
C GLU B 22 -0.40 18.70 28.16
N ARG B 23 -0.58 18.21 26.95
CA ARG B 23 -0.11 18.93 25.77
C ARG B 23 -0.97 18.47 24.60
N VAL B 24 -1.98 19.25 24.26
CA VAL B 24 -2.89 18.92 23.18
C VAL B 24 -2.62 19.74 21.92
N ARG B 25 -2.87 19.13 20.76
CA ARG B 25 -2.69 19.80 19.48
C ARG B 25 -3.93 19.62 18.63
N PHE B 26 -4.32 20.67 17.91
CA PHE B 26 -5.53 20.62 17.09
C PHE B 26 -5.20 20.91 15.63
N LEU B 27 -5.83 20.16 14.72
CA LEU B 27 -5.60 20.38 13.29
C LEU B 27 -6.87 20.28 12.49
N HIS B 28 -6.92 21.07 11.43
CA HIS B 28 -8.04 21.04 10.50
C HIS B 28 -7.44 20.87 9.13
N ARG B 29 -7.79 19.79 8.46
CA ARG B 29 -7.26 19.51 7.14
C ARG B 29 -8.40 19.53 6.14
N ASP B 30 -8.35 20.44 5.19
CA ASP B 30 -9.35 20.46 4.16
C ASP B 30 -8.67 19.68 3.06
N ILE B 31 -9.32 18.64 2.55
CA ILE B 31 -8.70 17.85 1.51
C ILE B 31 -9.53 17.72 0.25
N TYR B 32 -8.85 17.81 -0.88
CA TYR B 32 -9.48 17.68 -2.18
C TYR B 32 -8.95 16.41 -2.85
N ASN B 33 -9.87 15.53 -3.24
CA ASN B 33 -9.51 14.26 -3.88
C ASN B 33 -8.51 13.48 -3.05
N GLN B 34 -7.24 13.82 -3.14
CA GLN B 34 -6.26 13.09 -2.38
C GLN B 34 -5.11 13.98 -1.92
N GLU B 35 -5.27 15.29 -2.03
CA GLU B 35 -4.21 16.20 -1.59
C GLU B 35 -4.73 17.20 -0.55
N GLU B 36 -3.91 17.50 0.43
CA GLU B 36 -4.29 18.47 1.45
C GLU B 36 -3.93 19.86 0.93
N ASP B 37 -4.93 20.75 0.87
CA ASP B 37 -4.72 22.11 0.38
C ASP B 37 -4.81 23.17 1.46
N LEU B 38 -5.72 23.00 2.40
CA LEU B 38 -5.88 23.97 3.47
C LEU B 38 -5.62 23.30 4.82
N ARG B 39 -4.98 24.00 5.74
CA ARG B 39 -4.69 23.37 7.02
C ARG B 39 -4.50 24.32 8.20
N PHE B 40 -5.26 24.10 9.27
CA PHE B 40 -5.10 24.92 10.46
C PHE B 40 -4.37 24.12 11.50
N ASP B 41 -3.28 24.68 12.00
CA ASP B 41 -2.48 24.02 13.02
C ASP B 41 -2.61 24.82 14.32
N SER B 42 -3.00 24.15 15.41
CA SER B 42 -3.15 24.83 16.69
C SER B 42 -1.83 25.44 17.10
N ASP B 43 -0.73 24.90 16.59
CA ASP B 43 0.59 25.40 16.92
C ASP B 43 1.04 26.56 16.05
N VAL B 44 0.26 26.92 15.05
CA VAL B 44 0.64 28.03 14.18
C VAL B 44 -0.26 29.23 14.41
N GLY B 45 -1.49 28.97 14.82
CA GLY B 45 -2.43 30.04 15.07
C GLY B 45 -3.36 30.36 13.91
N GLU B 46 -2.79 30.44 12.71
CA GLU B 46 -3.56 30.75 11.53
C GLU B 46 -3.65 29.61 10.52
N TYR B 47 -4.38 29.84 9.43
CA TYR B 47 -4.53 28.84 8.39
C TYR B 47 -3.37 29.00 7.44
N ARG B 48 -2.99 27.88 6.81
CA ARG B 48 -1.91 27.85 5.82
C ARG B 48 -2.47 27.09 4.62
N ALA B 49 -2.16 27.57 3.42
CA ALA B 49 -2.62 26.90 2.22
C ALA B 49 -1.46 26.07 1.69
N VAL B 50 -1.57 24.76 1.79
CA VAL B 50 -0.52 23.85 1.32
C VAL B 50 -0.36 24.01 -0.19
N THR B 51 -1.43 23.79 -0.92
CA THR B 51 -1.41 23.92 -2.38
C THR B 51 -2.21 25.15 -2.79
N GLU B 52 -1.88 25.69 -3.95
CA GLU B 52 -2.59 26.87 -4.45
C GLU B 52 -4.11 26.74 -4.41
N LEU B 53 -4.61 25.52 -4.27
CA LEU B 53 -6.05 25.31 -4.26
C LEU B 53 -6.72 25.92 -3.04
N GLY B 54 -5.96 26.07 -1.95
CA GLY B 54 -6.54 26.62 -0.74
C GLY B 54 -6.29 28.11 -0.54
N ARG B 55 -5.32 28.65 -1.28
CA ARG B 55 -4.94 30.06 -1.21
C ARG B 55 -6.06 31.01 -0.76
N PRO B 56 -7.13 31.12 -1.55
CA PRO B 56 -8.23 32.01 -1.17
C PRO B 56 -8.69 31.83 0.27
N ASP B 57 -9.20 30.64 0.57
CA ASP B 57 -9.68 30.36 1.91
C ASP B 57 -8.75 30.89 3.00
N ALA B 58 -7.51 30.41 3.01
CA ALA B 58 -6.55 30.82 4.01
C ALA B 58 -6.58 32.33 4.27
N GLU B 59 -6.30 33.11 3.23
CA GLU B 59 -6.27 34.55 3.36
C GLU B 59 -7.58 35.16 3.79
N TYR B 60 -8.68 34.48 3.53
CA TYR B 60 -9.96 35.01 3.94
C TYR B 60 -10.24 34.78 5.41
N TRP B 61 -9.80 33.64 5.93
CA TRP B 61 -10.03 33.32 7.33
C TRP B 61 -9.00 34.02 8.19
N ASN B 62 -7.75 34.04 7.73
CA ASN B 62 -6.69 34.67 8.48
C ASN B 62 -6.93 36.16 8.75
N SER B 63 -7.84 36.77 8.00
CA SER B 63 -8.13 38.18 8.21
C SER B 63 -9.03 38.35 9.44
N GLN B 64 -9.88 37.35 9.70
CA GLN B 64 -10.75 37.42 10.87
C GLN B 64 -9.92 36.98 12.07
N LYS B 65 -9.17 37.91 12.65
CA LYS B 65 -8.33 37.61 13.80
C LYS B 65 -9.10 37.02 14.96
N ASP B 66 -10.36 37.42 15.12
CA ASP B 66 -11.19 36.89 16.20
C ASP B 66 -11.40 35.41 16.01
N PHE B 67 -12.09 35.04 14.93
CA PHE B 67 -12.33 33.63 14.63
C PHE B 67 -11.04 32.81 14.70
N LEU B 68 -10.00 33.33 14.06
CA LEU B 68 -8.69 32.68 14.04
C LEU B 68 -8.21 32.40 15.46
N GLU B 69 -8.77 33.13 16.40
CA GLU B 69 -8.43 33.00 17.81
C GLU B 69 -9.21 31.85 18.38
N ASP B 70 -10.53 31.92 18.17
CA ASP B 70 -11.45 30.91 18.65
C ASP B 70 -10.99 29.52 18.28
N ARG B 71 -10.49 29.35 17.07
CA ARG B 71 -10.02 28.05 16.64
C ARG B 71 -8.86 27.55 17.50
N ARG B 72 -8.11 28.48 18.08
CA ARG B 72 -7.02 28.08 18.94
C ARG B 72 -7.62 27.47 20.21
N ALA B 73 -8.80 27.95 20.57
CA ALA B 73 -9.49 27.49 21.77
C ALA B 73 -9.93 26.03 21.68
N ALA B 74 -10.14 25.54 20.47
CA ALA B 74 -10.57 24.16 20.30
C ALA B 74 -9.80 23.21 21.22
N VAL B 75 -8.49 23.42 21.32
CA VAL B 75 -7.65 22.56 22.15
C VAL B 75 -8.27 22.36 23.50
N ASP B 76 -9.28 23.18 23.80
CA ASP B 76 -9.97 23.08 25.08
C ASP B 76 -11.45 22.85 24.86
N THR B 77 -12.09 23.76 24.15
CA THR B 77 -13.52 23.65 23.90
C THR B 77 -13.91 22.38 23.16
N TYR B 78 -13.04 21.94 22.25
CA TYR B 78 -13.26 20.75 21.43
C TYR B 78 -12.40 19.55 21.81
N CYS B 79 -11.09 19.69 21.73
CA CYS B 79 -10.20 18.58 22.07
C CYS B 79 -10.33 18.08 23.50
N ARG B 80 -9.69 18.76 24.46
CA ARG B 80 -9.77 18.32 25.85
C ARG B 80 -11.16 17.96 26.33
N HIS B 81 -12.20 18.59 25.78
CA HIS B 81 -13.56 18.27 26.18
C HIS B 81 -13.93 16.87 25.70
N ASN B 82 -13.86 16.66 24.40
CA ASN B 82 -14.19 15.35 23.83
C ASN B 82 -13.36 14.23 24.44
N TYR B 83 -12.15 14.56 24.90
CA TYR B 83 -11.29 13.57 25.49
C TYR B 83 -11.97 12.91 26.68
N GLY B 84 -12.35 13.72 27.66
CA GLY B 84 -12.99 13.18 28.84
C GLY B 84 -14.40 12.68 28.63
N VAL B 85 -15.06 13.17 27.59
CA VAL B 85 -16.42 12.74 27.33
C VAL B 85 -16.52 11.24 27.13
N GLY B 86 -15.37 10.58 27.00
CA GLY B 86 -15.40 9.14 26.82
C GLY B 86 -14.08 8.42 27.00
N GLU B 87 -13.22 8.91 27.87
CA GLU B 87 -11.95 8.22 28.11
C GLU B 87 -12.30 6.93 28.85
N SER B 88 -13.49 6.95 29.45
CA SER B 88 -14.01 5.83 30.21
C SER B 88 -14.05 4.55 29.39
N PHE B 89 -14.37 4.68 28.11
CA PHE B 89 -14.45 3.54 27.20
C PHE B 89 -13.48 3.57 26.03
N THR B 90 -12.34 4.22 26.18
CA THR B 90 -11.35 4.27 25.12
C THR B 90 -9.97 4.30 25.74
N VAL B 91 -9.60 5.39 26.39
CA VAL B 91 -8.28 5.44 27.00
C VAL B 91 -8.22 4.30 28.00
N GLN B 92 -9.31 4.09 28.70
CA GLN B 92 -9.35 3.05 29.70
C GLN B 92 -10.00 1.76 29.26
N ARG B 93 -9.94 1.46 27.97
CA ARG B 93 -10.52 0.22 27.53
C ARG B 93 -9.44 -0.79 27.86
N ARG B 94 -9.84 -2.02 28.17
CA ARG B 94 -8.88 -3.05 28.44
C ARG B 94 -9.48 -4.42 28.25
N VAL B 95 -9.02 -5.07 27.18
CA VAL B 95 -9.47 -6.41 26.86
C VAL B 95 -8.25 -7.30 26.91
N GLU B 96 -8.35 -8.35 27.72
CA GLU B 96 -7.28 -9.29 27.94
C GLU B 96 -6.99 -10.15 26.72
N PRO B 97 -5.70 -10.28 26.36
CA PRO B 97 -5.24 -11.08 25.22
C PRO B 97 -5.65 -12.52 25.41
N LYS B 98 -5.91 -13.23 24.32
CA LYS B 98 -6.24 -14.64 24.41
C LYS B 98 -5.10 -15.32 23.68
N VAL B 99 -4.14 -15.87 24.43
CA VAL B 99 -2.97 -16.51 23.83
C VAL B 99 -3.10 -18.02 23.64
N THR B 100 -2.56 -18.49 22.52
CA THR B 100 -2.55 -19.91 22.15
C THR B 100 -1.26 -20.18 21.36
N VAL B 101 -0.60 -21.29 21.70
CA VAL B 101 0.64 -21.66 21.03
C VAL B 101 0.51 -23.03 20.45
N TYR B 102 0.64 -23.09 19.13
CA TYR B 102 0.58 -24.33 18.35
C TYR B 102 1.70 -24.28 17.30
N PRO B 103 2.10 -25.45 16.76
CA PRO B 103 3.17 -25.38 15.76
C PRO B 103 2.63 -25.80 14.39
N ALA B 104 3.09 -25.13 13.34
CA ALA B 104 2.67 -25.50 11.99
C ALA B 104 3.31 -26.87 11.78
N ARG B 105 2.65 -27.75 11.02
CA ARG B 105 3.14 -29.11 10.77
C ARG B 105 3.62 -29.84 12.04
N THR B 106 2.85 -30.85 12.45
CA THR B 106 3.16 -31.65 13.64
C THR B 106 4.21 -32.70 13.34
N GLN B 107 3.87 -33.56 12.38
CA GLN B 107 4.72 -34.66 11.96
C GLN B 107 6.19 -34.26 11.98
N THR B 108 6.44 -33.01 11.62
CA THR B 108 7.80 -32.48 11.56
C THR B 108 8.41 -32.11 12.92
N LEU B 109 8.87 -33.12 13.64
CA LEU B 109 9.53 -32.90 14.93
C LEU B 109 10.90 -33.59 14.89
N GLN B 110 11.32 -33.92 13.66
CA GLN B 110 12.61 -34.56 13.37
C GLN B 110 13.53 -33.52 12.72
N HIS B 111 12.91 -32.52 12.11
CA HIS B 111 13.62 -31.45 11.42
C HIS B 111 12.95 -30.11 11.64
N HIS B 112 13.38 -29.11 10.87
CA HIS B 112 12.86 -27.74 10.98
C HIS B 112 11.34 -27.68 11.16
N ASN B 113 10.89 -26.84 12.08
CA ASN B 113 9.47 -26.67 12.36
C ASN B 113 9.18 -25.18 12.55
N LEU B 114 7.94 -24.84 12.88
CA LEU B 114 7.55 -23.46 13.09
C LEU B 114 6.54 -23.35 14.22
N LEU B 115 6.96 -22.80 15.35
CA LEU B 115 6.05 -22.65 16.49
C LEU B 115 5.30 -21.35 16.34
N VAL B 116 4.02 -21.37 16.66
CA VAL B 116 3.21 -20.18 16.50
C VAL B 116 2.49 -19.65 17.75
N CYS B 117 2.80 -18.41 18.12
CA CYS B 117 2.12 -17.80 19.26
C CYS B 117 1.10 -16.85 18.65
N SER B 118 -0.18 -17.17 18.85
CA SER B 118 -1.27 -16.38 18.30
C SER B 118 -2.06 -15.59 19.34
N VAL B 119 -1.70 -14.34 19.54
CA VAL B 119 -2.38 -13.46 20.50
C VAL B 119 -3.63 -12.86 19.86
N ASN B 120 -4.79 -13.10 20.45
CA ASN B 120 -6.05 -12.62 19.87
C ASN B 120 -7.01 -11.81 20.74
N GLY B 121 -7.64 -10.82 20.13
CA GLY B 121 -8.65 -10.02 20.82
C GLY B 121 -8.26 -9.08 21.95
N PHE B 122 -6.97 -8.83 22.13
CA PHE B 122 -6.52 -7.94 23.19
C PHE B 122 -6.74 -6.51 22.73
N TYR B 123 -7.01 -5.56 23.65
CA TYR B 123 -7.22 -4.20 23.16
C TYR B 123 -6.07 -3.21 23.08
N PRO B 124 -5.76 -2.48 24.16
CA PRO B 124 -4.65 -1.55 23.96
C PRO B 124 -3.62 -2.10 22.95
N GLY B 125 -3.50 -1.43 21.81
CA GLY B 125 -2.58 -1.87 20.78
C GLY B 125 -1.25 -2.35 21.34
N SER B 126 -0.69 -1.55 22.22
CA SER B 126 0.58 -1.87 22.86
C SER B 126 0.66 -3.26 23.48
N ILE B 127 1.60 -4.07 22.99
CA ILE B 127 1.80 -5.41 23.53
C ILE B 127 3.24 -5.78 23.21
N GLU B 128 3.69 -6.89 23.77
CA GLU B 128 5.06 -7.29 23.52
C GLU B 128 5.18 -8.77 23.77
N VAL B 129 5.61 -9.52 22.75
CA VAL B 129 5.75 -10.96 22.86
C VAL B 129 7.21 -11.42 22.85
N ARG B 130 7.50 -12.46 23.63
CA ARG B 130 8.85 -13.01 23.74
C ARG B 130 8.81 -14.52 23.60
N TRP B 131 9.79 -15.08 22.89
CA TRP B 131 9.90 -16.52 22.69
C TRP B 131 11.04 -17.10 23.51
N PHE B 132 10.71 -17.91 24.50
CA PHE B 132 11.71 -18.50 25.38
C PHE B 132 12.03 -19.96 25.13
N ARG B 133 13.22 -20.22 24.62
CA ARG B 133 13.66 -21.60 24.39
C ARG B 133 14.36 -22.03 25.68
N ASN B 134 13.68 -22.85 26.47
CA ASN B 134 14.20 -23.31 27.75
C ASN B 134 14.60 -22.10 28.56
N SER B 135 13.59 -21.33 28.96
CA SER B 135 13.81 -20.12 29.74
C SER B 135 15.10 -19.44 29.28
N GLN B 136 15.07 -18.88 28.07
CA GLN B 136 16.20 -18.20 27.47
C GLN B 136 15.69 -17.51 26.21
N GLU B 137 15.68 -16.18 26.26
CA GLU B 137 15.21 -15.34 25.15
C GLU B 137 15.69 -15.84 23.79
N GLU B 138 14.75 -15.98 22.87
CA GLU B 138 15.07 -16.44 21.52
C GLU B 138 15.28 -15.20 20.68
N LYS B 139 16.11 -14.31 21.20
CA LYS B 139 16.46 -13.04 20.58
C LYS B 139 16.46 -12.91 19.05
N ALA B 140 16.45 -14.03 18.32
CA ALA B 140 16.44 -14.01 16.85
C ALA B 140 15.81 -15.26 16.25
N GLY B 141 15.69 -15.27 14.92
CA GLY B 141 15.08 -16.39 14.25
C GLY B 141 13.61 -16.41 14.58
N VAL B 142 13.07 -15.20 14.78
CA VAL B 142 11.66 -15.05 15.10
C VAL B 142 10.96 -14.19 14.06
N VAL B 143 9.78 -14.65 13.63
CA VAL B 143 9.02 -13.92 12.63
C VAL B 143 7.62 -13.54 13.12
N SER B 144 7.35 -12.24 13.03
CA SER B 144 6.10 -11.64 13.47
C SER B 144 5.23 -11.05 12.37
N THR B 145 3.91 -11.09 12.61
CA THR B 145 2.89 -10.58 11.70
C THR B 145 2.76 -9.07 11.84
N GLY B 146 3.26 -8.56 12.95
CA GLY B 146 3.14 -7.14 13.23
C GLY B 146 1.86 -7.01 14.00
N LEU B 147 1.38 -5.80 14.18
CA LEU B 147 0.14 -5.62 14.92
C LEU B 147 -0.99 -5.59 13.90
N ILE B 148 -2.08 -6.28 14.21
CA ILE B 148 -3.20 -6.34 13.29
C ILE B 148 -4.50 -5.82 13.90
N GLN B 149 -5.08 -4.82 13.26
CA GLN B 149 -6.33 -4.21 13.70
C GLN B 149 -7.54 -4.94 13.09
N ASN B 150 -8.39 -5.52 13.94
CA ASN B 150 -9.55 -6.24 13.46
C ASN B 150 -10.72 -5.34 13.09
N GLY B 151 -10.62 -4.06 13.46
CA GLY B 151 -11.66 -3.10 13.14
C GLY B 151 -12.81 -3.09 14.13
N ASP B 152 -12.73 -3.92 15.15
CA ASP B 152 -13.78 -3.96 16.14
C ASP B 152 -13.27 -3.61 17.53
N TRP B 153 -12.29 -2.71 17.57
CA TRP B 153 -11.72 -2.29 18.85
C TRP B 153 -11.05 -3.46 19.55
N THR B 154 -10.17 -4.13 18.82
CA THR B 154 -9.42 -5.25 19.34
C THR B 154 -8.35 -5.48 18.31
N PHE B 155 -7.30 -6.15 18.72
CA PHE B 155 -6.21 -6.45 17.80
C PHE B 155 -5.88 -7.93 17.92
N GLN B 156 -4.93 -8.35 17.11
CA GLN B 156 -4.43 -9.71 17.11
C GLN B 156 -3.03 -9.60 16.51
N THR B 157 -2.20 -10.59 16.79
CA THR B 157 -0.85 -10.58 16.29
C THR B 157 -0.31 -11.98 16.39
N LEU B 158 0.61 -12.32 15.49
CA LEU B 158 1.18 -13.65 15.53
C LEU B 158 2.67 -13.63 15.45
N VAL B 159 3.31 -14.17 16.48
CA VAL B 159 4.75 -14.25 16.53
C VAL B 159 5.10 -15.72 16.49
N MET B 160 5.87 -16.08 15.47
CA MET B 160 6.29 -17.45 15.27
C MET B 160 7.78 -17.66 15.45
N LEU B 161 8.11 -18.85 15.95
CA LEU B 161 9.49 -19.25 16.19
C LEU B 161 9.83 -20.44 15.31
N GLU B 162 10.83 -20.28 14.45
CA GLU B 162 11.26 -21.40 13.61
C GLU B 162 12.43 -22.02 14.34
N THR B 163 12.27 -23.29 14.73
CA THR B 163 13.32 -24.00 15.47
C THR B 163 13.29 -25.51 15.26
N VAL B 164 14.42 -26.15 15.56
CA VAL B 164 14.54 -27.59 15.46
C VAL B 164 14.13 -28.17 16.82
N PRO B 165 12.92 -28.74 16.89
CA PRO B 165 12.34 -29.33 18.09
C PRO B 165 13.09 -30.51 18.69
N ARG B 166 13.56 -30.34 19.93
CA ARG B 166 14.26 -31.41 20.66
C ARG B 166 13.33 -31.89 21.79
N SER B 167 13.34 -33.19 22.07
CA SER B 167 12.49 -33.75 23.11
C SER B 167 13.06 -33.46 24.50
N GLY B 168 12.94 -32.20 24.89
CA GLY B 168 13.44 -31.75 26.18
C GLY B 168 13.27 -30.25 26.21
N GLU B 169 13.71 -29.60 25.13
CA GLU B 169 13.58 -28.16 25.00
C GLU B 169 12.14 -27.77 25.30
N VAL B 170 11.96 -26.76 26.14
CA VAL B 170 10.63 -26.26 26.46
C VAL B 170 10.55 -24.80 26.03
N TYR B 171 9.93 -24.57 24.87
CA TYR B 171 9.77 -23.21 24.35
C TYR B 171 8.55 -22.56 24.98
N THR B 172 8.69 -21.32 25.43
CA THR B 172 7.59 -20.59 26.06
C THR B 172 7.30 -19.28 25.36
N CYS B 173 6.02 -18.91 25.26
CA CYS B 173 5.65 -17.64 24.66
C CYS B 173 5.22 -16.75 25.81
N GLN B 174 5.85 -15.59 25.92
CA GLN B 174 5.54 -14.64 26.97
C GLN B 174 4.89 -13.39 26.38
N VAL B 175 3.69 -13.10 26.85
CA VAL B 175 2.92 -11.95 26.37
C VAL B 175 2.77 -10.91 27.49
N GLU B 176 3.24 -9.69 27.22
CA GLU B 176 3.13 -8.61 28.20
C GLU B 176 2.22 -7.54 27.62
N HIS B 177 1.12 -7.30 28.31
CA HIS B 177 0.11 -6.32 27.86
C HIS B 177 -0.62 -5.64 29.01
N PRO B 178 -0.75 -4.30 28.97
CA PRO B 178 -1.42 -3.51 29.99
C PRO B 178 -2.86 -3.87 30.36
N SER B 179 -3.14 -5.15 30.57
CA SER B 179 -4.49 -5.58 30.93
C SER B 179 -4.38 -6.74 31.89
N VAL B 180 -3.14 -7.07 32.25
CA VAL B 180 -2.86 -8.14 33.17
C VAL B 180 -1.77 -7.74 34.14
N THR B 181 -2.03 -8.03 35.41
CA THR B 181 -1.14 -7.72 36.51
C THR B 181 0.24 -8.39 36.29
N SER B 182 0.22 -9.68 35.94
CA SER B 182 1.45 -10.46 35.69
C SER B 182 1.51 -10.99 34.25
N PRO B 183 2.73 -11.12 33.69
CA PRO B 183 2.87 -11.62 32.32
C PRO B 183 2.11 -12.90 32.02
N LEU B 184 1.69 -13.03 30.76
CA LEU B 184 0.96 -14.19 30.28
C LEU B 184 1.96 -15.09 29.57
N THR B 185 2.01 -16.35 29.99
CA THR B 185 2.93 -17.29 29.38
C THR B 185 2.26 -18.62 29.10
N VAL B 186 2.64 -19.22 27.98
CA VAL B 186 2.14 -20.51 27.57
C VAL B 186 3.37 -21.26 27.12
N GLU B 187 3.42 -22.55 27.46
CA GLU B 187 4.56 -23.38 27.14
C GLU B 187 4.22 -24.47 26.15
N TRP B 188 5.26 -24.95 25.47
CA TRP B 188 5.14 -26.00 24.48
C TRP B 188 6.50 -26.66 24.32
N ARG B 189 6.55 -27.99 24.49
CA ARG B 189 7.78 -28.75 24.34
C ARG B 189 7.55 -30.15 23.77
N ALA B 190 8.59 -30.69 23.14
CA ALA B 190 8.59 -32.03 22.53
C ALA B 190 7.21 -32.63 22.22
N GLY C 1 -18.35 10.10 30.71
CA GLY C 1 -19.38 10.25 29.63
C GLY C 1 -19.78 11.70 29.37
N GLY C 2 -20.91 11.91 28.69
CA GLY C 2 -21.35 13.26 28.43
C GLY C 2 -21.83 13.49 27.01
N VAL C 3 -21.36 14.57 26.38
CA VAL C 3 -21.76 14.87 25.02
C VAL C 3 -20.61 15.35 24.16
N TYR C 4 -20.58 14.82 22.95
CA TYR C 4 -19.54 15.13 21.98
C TYR C 4 -19.73 16.45 21.25
N HIS C 5 -18.61 17.14 21.02
CA HIS C 5 -18.63 18.40 20.30
C HIS C 5 -18.02 18.16 18.93
N PHE C 6 -18.59 18.77 17.89
CA PHE C 6 -18.06 18.64 16.55
C PHE C 6 -17.82 20.03 16.02
N VAL C 7 -16.68 20.26 15.38
CA VAL C 7 -16.38 21.57 14.81
C VAL C 7 -17.30 21.73 13.59
N LYS C 8 -17.76 22.95 13.30
CA LYS C 8 -18.65 23.13 12.18
C LYS C 8 -17.92 23.59 10.93
N LYS C 9 -18.44 23.17 9.80
CA LYS C 9 -17.86 23.51 8.51
C LYS C 9 -18.40 24.83 7.99
N HIS C 10 -17.50 25.73 7.61
CA HIS C 10 -17.89 27.03 7.08
C HIS C 10 -17.28 27.19 5.70
N VAL C 11 -18.08 27.62 4.73
CA VAL C 11 -17.59 27.76 3.37
C VAL C 11 -17.49 29.20 2.91
N HIS C 12 -16.56 29.45 1.98
CA HIS C 12 -16.36 30.80 1.45
C HIS C 12 -16.12 30.82 -0.04
N GLU C 13 -17.14 31.24 -0.79
CA GLU C 13 -17.02 31.32 -2.24
C GLU C 13 -16.36 32.63 -2.63
N SER C 14 -15.36 32.55 -3.50
CA SER C 14 -14.64 33.73 -3.95
C SER C 14 -14.64 33.76 -5.48
N GLU D 3 -2.53 5.61 -20.20
CA GLU D 3 -2.26 5.81 -21.66
C GLU D 3 -1.97 4.50 -22.38
N GLU D 4 -0.84 4.45 -23.08
CA GLU D 4 -0.47 3.26 -23.82
C GLU D 4 0.98 2.81 -23.57
N HIS D 5 1.89 3.77 -23.40
CA HIS D 5 3.29 3.44 -23.15
C HIS D 5 3.98 4.65 -22.56
N VAL D 6 4.79 4.43 -21.53
CA VAL D 6 5.47 5.54 -20.90
C VAL D 6 6.92 5.28 -20.57
N ILE D 7 7.75 6.27 -20.90
CA ILE D 7 9.19 6.19 -20.62
C ILE D 7 9.46 7.28 -19.60
N ILE D 8 10.12 6.92 -18.51
CA ILE D 8 10.41 7.93 -17.51
C ILE D 8 11.88 8.01 -17.15
N GLN D 9 12.39 9.24 -17.15
CA GLN D 9 13.76 9.50 -16.75
C GLN D 9 13.51 9.84 -15.30
N ALA D 10 13.92 8.96 -14.41
CA ALA D 10 13.68 9.17 -13.00
C ALA D 10 14.99 9.32 -12.23
N GLU D 11 15.08 10.35 -11.39
CA GLU D 11 16.27 10.58 -10.56
C GLU D 11 15.92 11.14 -9.19
N PHE D 12 16.81 10.95 -8.22
CA PHE D 12 16.58 11.44 -6.86
C PHE D 12 17.84 11.58 -6.04
N TYR D 13 17.85 12.57 -5.15
CA TYR D 13 18.99 12.78 -4.26
C TYR D 13 18.49 12.77 -2.81
N LEU D 14 19.19 12.05 -1.94
CA LEU D 14 18.80 11.95 -0.54
C LEU D 14 19.86 12.63 0.32
N ASN D 15 19.56 13.84 0.76
CA ASN D 15 20.50 14.64 1.55
C ASN D 15 21.24 14.04 2.75
N PRO D 16 20.52 13.62 3.80
CA PRO D 16 21.19 13.05 4.97
C PRO D 16 22.31 12.06 4.67
N ASP D 17 22.19 11.32 3.58
CA ASP D 17 23.17 10.29 3.26
C ASP D 17 23.97 10.51 1.98
N GLN D 18 23.72 11.62 1.30
CA GLN D 18 24.41 11.94 0.05
C GLN D 18 24.38 10.78 -0.93
N SER D 19 23.18 10.28 -1.24
CA SER D 19 23.01 9.19 -2.19
C SER D 19 21.94 9.60 -3.21
N GLY D 20 22.22 9.32 -4.48
CA GLY D 20 21.29 9.66 -5.54
C GLY D 20 21.12 8.47 -6.47
N GLU D 21 20.42 8.69 -7.57
CA GLU D 21 20.21 7.62 -8.53
C GLU D 21 19.67 8.22 -9.82
N PHE D 22 20.11 7.65 -10.93
CA PHE D 22 19.66 8.10 -12.24
C PHE D 22 19.31 6.83 -12.99
N MET D 23 18.09 6.75 -13.52
CA MET D 23 17.65 5.56 -14.24
C MET D 23 16.44 5.81 -15.14
N PHE D 24 16.37 5.04 -16.22
CA PHE D 24 15.24 5.14 -17.14
C PHE D 24 14.29 3.98 -16.92
N ASP D 25 13.00 4.28 -16.91
CA ASP D 25 12.00 3.27 -16.70
C ASP D 25 11.05 3.24 -17.89
N PHE D 26 10.81 2.04 -18.39
CA PHE D 26 9.90 1.84 -19.51
C PHE D 26 8.73 1.00 -19.02
N ASP D 27 7.55 1.62 -18.96
CA ASP D 27 6.35 0.90 -18.53
C ASP D 27 6.57 0.03 -17.30
N GLY D 28 7.19 0.60 -16.25
CA GLY D 28 7.40 -0.15 -15.04
C GLY D 28 8.71 -0.88 -14.84
N ASP D 29 9.32 -1.36 -15.92
CA ASP D 29 10.58 -2.07 -15.81
C ASP D 29 11.76 -1.11 -16.06
N GLU D 30 12.92 -1.44 -15.48
CA GLU D 30 14.13 -0.62 -15.62
C GLU D 30 14.84 -0.89 -16.95
N ILE D 31 15.24 0.17 -17.65
CA ILE D 31 15.97 -0.01 -18.91
C ILE D 31 17.43 -0.04 -18.51
N PHE D 32 17.86 1.00 -17.82
CA PHE D 32 19.23 1.13 -17.33
C PHE D 32 19.29 2.19 -16.22
N HIS D 33 20.48 2.37 -15.65
CA HIS D 33 20.69 3.36 -14.60
C HIS D 33 22.18 3.61 -14.45
N VAL D 34 22.55 4.86 -14.22
CA VAL D 34 23.97 5.19 -14.05
C VAL D 34 24.46 4.84 -12.66
N ASP D 35 25.46 3.98 -12.59
CA ASP D 35 26.05 3.57 -11.31
C ASP D 35 26.99 4.68 -10.87
N MET D 36 26.56 5.47 -9.91
CA MET D 36 27.33 6.59 -9.39
C MET D 36 28.82 6.27 -9.19
N ALA D 37 29.11 5.37 -8.26
CA ALA D 37 30.49 4.95 -7.94
C ALA D 37 31.32 4.62 -9.18
N LYS D 38 31.06 3.45 -9.76
CA LYS D 38 31.80 3.02 -10.95
C LYS D 38 31.77 4.07 -12.06
N LYS D 39 30.90 5.07 -11.93
CA LYS D 39 30.82 6.14 -12.92
C LYS D 39 30.31 5.67 -14.29
N GLU D 40 29.84 4.43 -14.37
CA GLU D 40 29.35 3.89 -15.63
C GLU D 40 27.87 3.46 -15.66
N THR D 41 27.29 3.47 -16.86
CA THR D 41 25.91 3.11 -17.11
C THR D 41 25.69 1.59 -17.04
N VAL D 42 24.65 1.15 -16.34
CA VAL D 42 24.35 -0.28 -16.21
C VAL D 42 23.01 -0.61 -16.86
N TRP D 43 22.98 -1.63 -17.70
CA TRP D 43 21.73 -2.04 -18.35
C TRP D 43 21.11 -3.22 -17.63
N ARG D 44 19.78 -3.24 -17.56
CA ARG D 44 19.06 -4.31 -16.89
C ARG D 44 19.26 -5.63 -17.63
N LEU D 45 19.27 -5.55 -18.97
CA LEU D 45 19.46 -6.73 -19.81
C LEU D 45 20.61 -6.50 -20.78
N GLU D 46 21.57 -7.42 -20.77
CA GLU D 46 22.72 -7.33 -21.66
C GLU D 46 22.29 -6.80 -23.01
N GLU D 47 21.36 -7.53 -23.62
CA GLU D 47 20.82 -7.19 -24.93
C GLU D 47 20.60 -5.69 -25.16
N PHE D 48 19.95 -5.04 -24.19
CA PHE D 48 19.65 -3.61 -24.27
C PHE D 48 20.85 -2.78 -24.69
N GLY D 49 21.98 -3.03 -24.04
CA GLY D 49 23.20 -2.29 -24.30
C GLY D 49 23.70 -2.41 -25.73
N ARG D 50 23.72 -3.63 -26.24
CA ARG D 50 24.18 -3.87 -27.60
C ARG D 50 23.33 -3.14 -28.63
N PHE D 51 22.23 -2.54 -28.21
CA PHE D 51 21.33 -1.84 -29.13
C PHE D 51 21.36 -0.33 -29.01
N ALA D 52 21.86 0.18 -27.89
CA ALA D 52 21.89 1.62 -27.70
C ALA D 52 22.87 2.00 -26.61
N SER D 53 23.09 3.30 -26.45
CA SER D 53 23.98 3.75 -25.40
C SER D 53 23.61 5.09 -24.80
N PHE D 54 24.28 5.40 -23.69
CA PHE D 54 24.06 6.63 -22.95
C PHE D 54 25.36 7.00 -22.24
N GLU D 55 25.66 8.30 -22.20
CA GLU D 55 26.89 8.75 -21.56
C GLU D 55 26.73 8.91 -20.06
N ALA D 56 27.12 7.88 -19.32
CA ALA D 56 27.05 7.88 -17.86
C ALA D 56 27.33 9.27 -17.28
N GLN D 57 28.40 9.90 -17.77
CA GLN D 57 28.78 11.21 -17.28
C GLN D 57 27.62 12.19 -17.19
N GLY D 58 27.01 12.51 -18.33
CA GLY D 58 25.90 13.46 -18.36
C GLY D 58 24.89 13.34 -17.24
N ALA D 59 24.73 12.12 -16.74
CA ALA D 59 23.81 11.83 -15.65
C ALA D 59 24.41 12.31 -14.32
N LEU D 60 25.66 11.95 -14.07
CA LEU D 60 26.34 12.36 -12.85
C LEU D 60 26.27 13.88 -12.73
N ALA D 61 26.01 14.52 -13.87
CA ALA D 61 25.89 15.98 -13.97
C ALA D 61 24.58 16.42 -13.35
N ASN D 62 23.49 15.74 -13.74
CA ASN D 62 22.17 16.05 -13.19
C ASN D 62 22.16 15.76 -11.69
N ILE D 63 22.52 14.53 -11.30
CA ILE D 63 22.54 14.15 -9.90
C ILE D 63 23.15 15.23 -9.01
N ALA D 64 24.17 15.93 -9.52
CA ALA D 64 24.84 16.99 -8.78
C ALA D 64 24.02 18.28 -8.69
N VAL D 65 23.32 18.62 -9.78
CA VAL D 65 22.48 19.81 -9.80
C VAL D 65 21.23 19.55 -8.98
N ASP D 66 20.97 18.27 -8.73
CA ASP D 66 19.81 17.88 -7.94
C ASP D 66 20.18 18.08 -6.47
N LYS D 67 21.33 17.56 -6.03
CA LYS D 67 21.75 17.74 -4.65
C LYS D 67 21.71 19.22 -4.32
N ALA D 68 21.97 20.05 -5.33
CA ALA D 68 21.95 21.49 -5.13
C ALA D 68 20.51 21.94 -4.91
N ASN D 69 19.70 21.84 -5.96
CA ASN D 69 18.30 22.23 -5.91
C ASN D 69 17.61 21.68 -4.66
N LEU D 70 18.08 20.54 -4.17
CA LEU D 70 17.51 19.92 -2.97
C LEU D 70 17.74 20.78 -1.73
N GLU D 71 18.98 21.21 -1.52
CA GLU D 71 19.31 22.02 -0.36
C GLU D 71 18.50 23.31 -0.40
N ILE D 72 18.35 23.87 -1.59
CA ILE D 72 17.57 25.09 -1.74
C ILE D 72 16.11 24.81 -1.36
N MET D 73 15.61 23.65 -1.78
CA MET D 73 14.23 23.26 -1.50
C MET D 73 14.04 22.77 -0.06
N THR D 74 15.11 22.26 0.54
CA THR D 74 15.03 21.76 1.90
C THR D 74 14.85 22.90 2.89
N LYS D 75 15.47 24.04 2.59
CA LYS D 75 15.36 25.18 3.49
C LYS D 75 14.07 25.96 3.25
N ARG D 76 13.74 26.18 1.98
CA ARG D 76 12.55 26.92 1.61
C ARG D 76 11.28 26.29 2.19
N SER D 77 11.46 25.32 3.06
CA SER D 77 10.34 24.63 3.68
C SER D 77 10.56 24.42 5.18
N ASN D 78 11.36 25.29 5.77
CA ASN D 78 11.68 25.21 7.20
C ASN D 78 12.22 23.84 7.59
N TYR D 79 13.04 23.26 6.71
CA TYR D 79 13.65 21.96 6.96
C TYR D 79 12.71 20.91 7.50
N THR D 80 11.74 20.46 6.71
CA THR D 80 10.80 19.44 7.16
C THR D 80 11.17 18.07 6.60
N PRO D 81 11.30 17.06 7.48
CA PRO D 81 11.66 15.67 7.19
C PRO D 81 10.63 14.83 6.44
N ILE D 82 11.09 14.07 5.43
CA ILE D 82 10.16 13.21 4.70
C ILE D 82 9.64 12.28 5.77
N THR D 83 8.40 11.83 5.62
CA THR D 83 7.84 10.94 6.62
C THR D 83 8.11 9.49 6.25
N ASN D 84 8.78 8.77 7.13
CA ASN D 84 9.11 7.37 6.88
C ASN D 84 7.92 6.46 6.65
N VAL D 85 7.77 6.01 5.41
CA VAL D 85 6.70 5.10 5.04
C VAL D 85 7.31 3.71 4.96
N PRO D 86 6.83 2.79 5.81
CA PRO D 86 7.29 1.39 5.90
C PRO D 86 6.98 0.61 4.63
N PRO D 87 7.78 -0.42 4.33
CA PRO D 87 7.57 -1.23 3.15
C PRO D 87 6.61 -2.39 3.34
N GLU D 88 6.12 -2.87 2.22
CA GLU D 88 5.26 -4.01 2.19
C GLU D 88 6.24 -5.01 1.62
N VAL D 89 6.28 -6.21 2.19
CA VAL D 89 7.22 -7.19 1.70
C VAL D 89 6.58 -8.54 1.49
N THR D 90 6.55 -8.95 0.23
CA THR D 90 5.98 -10.23 -0.14
C THR D 90 7.12 -11.03 -0.76
N VAL D 91 7.18 -12.32 -0.48
CA VAL D 91 8.25 -13.11 -1.03
C VAL D 91 7.67 -14.30 -1.80
N LEU D 92 8.05 -14.40 -3.07
CA LEU D 92 7.54 -15.47 -3.92
C LEU D 92 8.65 -16.13 -4.76
N THR D 93 8.27 -17.21 -5.44
CA THR D 93 9.17 -17.96 -6.30
C THR D 93 9.00 -17.48 -7.73
N ASN D 94 9.90 -17.88 -8.62
CA ASN D 94 9.84 -17.44 -10.02
C ASN D 94 9.06 -18.39 -10.93
N SER D 95 8.87 -19.61 -10.45
CA SER D 95 8.15 -20.60 -11.21
C SER D 95 7.71 -21.67 -10.24
N PRO D 96 6.75 -22.51 -10.64
CA PRO D 96 6.32 -23.56 -9.72
C PRO D 96 7.56 -24.22 -9.12
N VAL D 97 7.37 -25.04 -8.09
CA VAL D 97 8.53 -25.66 -7.48
C VAL D 97 8.40 -27.13 -7.16
N GLU D 98 9.45 -27.88 -7.47
CA GLU D 98 9.48 -29.29 -7.15
C GLU D 98 10.88 -29.62 -6.68
N LEU D 99 10.93 -30.41 -5.61
CA LEU D 99 12.17 -30.83 -4.97
C LEU D 99 13.33 -31.01 -5.94
N ARG D 100 14.48 -30.45 -5.58
CA ARG D 100 15.70 -30.55 -6.38
C ARG D 100 15.69 -29.72 -7.64
N GLU D 101 14.55 -29.12 -7.97
CA GLU D 101 14.46 -28.31 -9.17
C GLU D 101 14.93 -26.89 -8.92
N PRO D 102 16.02 -26.49 -9.57
CA PRO D 102 16.62 -25.16 -9.46
C PRO D 102 15.62 -24.03 -9.63
N ASN D 103 15.33 -23.34 -8.53
CA ASN D 103 14.39 -22.23 -8.52
C ASN D 103 15.05 -20.90 -8.17
N VAL D 104 14.23 -19.89 -7.89
CA VAL D 104 14.71 -18.56 -7.51
C VAL D 104 13.68 -17.79 -6.68
N LEU D 105 13.99 -17.50 -5.42
CA LEU D 105 13.09 -16.75 -4.56
C LEU D 105 13.23 -15.27 -4.92
N ILE D 106 12.10 -14.55 -4.97
CA ILE D 106 12.10 -13.14 -5.29
C ILE D 106 11.58 -12.34 -4.08
N CYS D 107 12.46 -11.63 -3.38
CA CYS D 107 12.00 -10.84 -2.26
C CYS D 107 11.55 -9.54 -2.86
N PHE D 108 10.32 -9.17 -2.55
CA PHE D 108 9.70 -7.98 -3.10
C PHE D 108 9.38 -6.91 -2.04
N ILE D 109 10.05 -5.77 -2.15
CA ILE D 109 9.87 -4.65 -1.24
C ILE D 109 9.15 -3.55 -2.02
N ASP D 110 8.04 -3.07 -1.48
CA ASP D 110 7.25 -2.08 -2.20
C ASP D 110 6.51 -1.09 -1.31
N LYS D 111 6.14 0.05 -1.90
CA LYS D 111 5.38 1.10 -1.22
C LYS D 111 6.05 1.70 -0.01
N PHE D 112 7.34 2.01 -0.13
CA PHE D 112 8.09 2.61 0.97
C PHE D 112 8.82 3.86 0.53
N THR D 113 9.47 4.53 1.49
CA THR D 113 10.25 5.73 1.28
C THR D 113 10.70 6.20 2.65
N PRO D 114 11.85 6.89 2.73
CA PRO D 114 12.75 7.26 1.64
C PRO D 114 13.49 6.04 1.11
N PRO D 115 14.15 6.19 -0.05
CA PRO D 115 14.89 5.10 -0.69
C PRO D 115 16.10 4.61 0.08
N VAL D 116 15.88 3.94 1.19
CA VAL D 116 16.98 3.42 1.99
C VAL D 116 16.48 2.20 2.72
N VAL D 117 17.05 1.05 2.42
CA VAL D 117 16.60 -0.17 3.07
C VAL D 117 17.72 -1.23 3.12
N ASN D 118 17.49 -2.32 3.84
CA ASN D 118 18.49 -3.38 3.95
C ASN D 118 17.95 -4.79 3.88
N VAL D 119 17.94 -5.36 2.68
CA VAL D 119 17.46 -6.72 2.46
C VAL D 119 18.55 -7.72 2.83
N THR D 120 18.18 -8.76 3.57
CA THR D 120 19.13 -9.78 4.00
C THR D 120 18.51 -11.17 3.92
N TRP D 121 19.04 -12.01 3.03
CA TRP D 121 18.50 -13.37 2.89
C TRP D 121 19.00 -14.23 4.04
N LEU D 122 18.17 -15.14 4.52
CA LEU D 122 18.58 -16.00 5.64
C LEU D 122 18.08 -17.40 5.44
N ARG D 123 19.00 -18.37 5.43
CA ARG D 123 18.63 -19.77 5.30
C ARG D 123 18.77 -20.46 6.64
N ASN D 124 17.64 -20.86 7.23
CA ASN D 124 17.63 -21.53 8.51
C ASN D 124 18.17 -20.60 9.62
N GLY D 125 18.92 -19.59 9.20
CA GLY D 125 19.47 -18.63 10.13
C GLY D 125 20.53 -17.86 9.38
N LYS D 126 21.49 -18.61 8.85
CA LYS D 126 22.60 -18.06 8.11
C LYS D 126 22.25 -17.14 6.95
N PRO D 127 22.97 -16.02 6.83
CA PRO D 127 22.76 -15.04 5.76
C PRO D 127 23.40 -15.66 4.52
N VAL D 128 23.16 -15.09 3.35
CA VAL D 128 23.78 -15.65 2.15
C VAL D 128 24.07 -14.59 1.10
N THR D 129 25.32 -14.56 0.67
CA THR D 129 25.79 -13.62 -0.36
C THR D 129 26.18 -14.48 -1.57
N THR D 130 25.93 -15.78 -1.42
CA THR D 130 26.24 -16.76 -2.46
C THR D 130 25.39 -16.54 -3.71
N GLY D 131 25.94 -15.83 -4.68
CA GLY D 131 25.21 -15.56 -5.91
C GLY D 131 23.79 -15.09 -5.64
N VAL D 132 23.64 -13.80 -5.36
CA VAL D 132 22.34 -13.25 -5.05
C VAL D 132 22.33 -11.76 -5.39
N SER D 133 21.70 -11.39 -6.50
CA SER D 133 21.64 -10.01 -6.95
C SER D 133 20.41 -9.23 -6.51
N GLU D 134 20.30 -7.99 -6.97
CA GLU D 134 19.18 -7.14 -6.60
C GLU D 134 18.93 -6.02 -7.62
N THR D 135 17.72 -5.47 -7.59
CA THR D 135 17.35 -4.39 -8.48
C THR D 135 17.75 -3.12 -7.75
N VAL D 136 17.69 -1.99 -8.45
CA VAL D 136 18.03 -0.73 -7.82
C VAL D 136 16.79 -0.18 -7.13
N PHE D 137 16.42 1.05 -7.45
CA PHE D 137 15.25 1.67 -6.87
C PHE D 137 14.29 2.08 -7.95
N LEU D 138 13.26 1.26 -8.16
CA LEU D 138 12.28 1.59 -9.18
C LEU D 138 11.27 2.56 -8.59
N PRO D 139 11.07 3.70 -9.27
CA PRO D 139 10.14 4.76 -8.89
C PRO D 139 8.70 4.38 -9.10
N ARG D 140 7.84 4.76 -8.15
CA ARG D 140 6.43 4.46 -8.26
C ARG D 140 5.67 5.66 -8.80
N GLU D 141 4.35 5.54 -8.84
CA GLU D 141 3.50 6.61 -9.36
C GLU D 141 3.10 7.58 -8.26
N ASP D 142 3.17 7.11 -7.02
CA ASP D 142 2.82 7.92 -5.87
C ASP D 142 4.08 8.54 -5.28
N HIS D 143 5.22 8.17 -5.86
CA HIS D 143 6.52 8.67 -5.42
C HIS D 143 7.10 7.97 -4.22
N LEU D 144 6.81 6.68 -4.12
CA LEU D 144 7.36 5.86 -3.06
C LEU D 144 8.39 5.08 -3.86
N PHE D 145 8.90 3.99 -3.32
CA PHE D 145 9.89 3.22 -4.07
C PHE D 145 9.65 1.75 -3.97
N ARG D 146 10.08 1.02 -5.00
CA ARG D 146 9.91 -0.41 -5.07
C ARG D 146 11.29 -1.02 -5.35
N LYS D 147 11.53 -2.23 -4.87
CA LYS D 147 12.82 -2.87 -5.09
C LYS D 147 12.75 -4.39 -4.89
N PHE D 148 13.43 -5.12 -5.79
CA PHE D 148 13.45 -6.57 -5.74
C PHE D 148 14.80 -7.15 -5.33
N HIS D 149 14.77 -8.37 -4.83
CA HIS D 149 15.96 -9.09 -4.41
C HIS D 149 15.77 -10.55 -4.78
N TYR D 150 16.76 -11.14 -5.44
CA TYR D 150 16.62 -12.51 -5.88
C TYR D 150 17.59 -13.46 -5.25
N LEU D 151 17.19 -14.72 -5.15
CA LEU D 151 18.07 -15.72 -4.57
C LEU D 151 17.85 -17.08 -5.21
N PRO D 152 18.82 -17.55 -5.99
CA PRO D 152 18.61 -18.88 -6.59
C PRO D 152 18.69 -19.90 -5.46
N PHE D 153 18.06 -21.04 -5.63
CA PHE D 153 18.10 -22.05 -4.60
C PHE D 153 17.61 -23.40 -5.10
N LEU D 154 17.88 -24.44 -4.31
CA LEU D 154 17.46 -25.78 -4.67
C LEU D 154 16.50 -26.35 -3.66
N PRO D 155 15.21 -26.40 -4.04
CA PRO D 155 14.12 -26.91 -3.21
C PRO D 155 14.52 -28.05 -2.27
N SER D 156 14.77 -27.70 -1.01
CA SER D 156 15.14 -28.68 0.00
C SER D 156 14.02 -28.77 1.02
N THR D 157 13.45 -29.95 1.21
CA THR D 157 12.37 -30.04 2.18
C THR D 157 12.92 -30.03 3.59
N GLU D 158 14.18 -29.64 3.72
CA GLU D 158 14.81 -29.56 5.03
C GLU D 158 15.31 -28.15 5.22
N ASP D 159 14.74 -27.22 4.49
CA ASP D 159 15.17 -25.84 4.63
C ASP D 159 14.10 -24.86 5.05
N VAL D 160 14.51 -23.60 5.11
CA VAL D 160 13.64 -22.54 5.54
C VAL D 160 14.36 -21.26 5.18
N TYR D 161 13.66 -20.35 4.50
CA TYR D 161 14.27 -19.08 4.10
C TYR D 161 13.43 -17.93 4.62
N ASP D 162 14.08 -16.79 4.79
CA ASP D 162 13.40 -15.61 5.24
C ASP D 162 14.07 -14.50 4.50
N CYS D 163 13.37 -13.39 4.35
CA CYS D 163 13.91 -12.22 3.69
C CYS D 163 13.87 -11.13 4.73
N ARG D 164 15.00 -10.85 5.38
CA ARG D 164 15.01 -9.80 6.40
C ARG D 164 15.14 -8.45 5.75
N VAL D 165 14.15 -7.60 5.95
CA VAL D 165 14.19 -6.28 5.37
C VAL D 165 13.97 -5.28 6.48
N GLU D 166 14.74 -4.21 6.45
CA GLU D 166 14.64 -3.19 7.48
C GLU D 166 14.70 -1.80 6.84
N HIS D 167 13.77 -0.96 7.26
CA HIS D 167 13.62 0.43 6.79
C HIS D 167 13.35 1.21 8.07
N TRP D 168 13.67 2.50 8.08
CA TRP D 168 13.46 3.31 9.27
C TRP D 168 11.99 3.48 9.66
N GLY D 169 11.10 2.89 8.89
CA GLY D 169 9.69 3.00 9.21
C GLY D 169 9.28 1.91 10.18
N LEU D 170 10.05 0.84 10.21
CA LEU D 170 9.77 -0.26 11.11
C LEU D 170 10.49 -0.09 12.43
N ASP D 171 10.04 -0.83 13.43
CA ASP D 171 10.64 -0.78 14.77
C ASP D 171 11.69 -1.88 14.82
N GLU D 172 11.21 -3.10 14.66
CA GLU D 172 12.03 -4.29 14.66
C GLU D 172 12.05 -4.82 13.22
N PRO D 173 13.24 -4.83 12.58
CA PRO D 173 13.41 -5.30 11.20
C PRO D 173 12.42 -6.38 10.85
N LEU D 174 12.03 -6.43 9.58
CA LEU D 174 11.05 -7.40 9.14
C LEU D 174 11.61 -8.70 8.55
N LEU D 175 10.88 -9.78 8.80
CA LEU D 175 11.23 -11.11 8.32
C LEU D 175 10.06 -11.74 7.58
N LYS D 176 10.29 -12.06 6.32
CA LYS D 176 9.28 -12.70 5.50
C LYS D 176 9.73 -14.13 5.28
N HIS D 177 9.08 -15.06 5.97
CA HIS D 177 9.41 -16.48 5.91
C HIS D 177 9.01 -17.21 4.63
N TRP D 178 9.65 -18.35 4.37
CA TRP D 178 9.35 -19.15 3.19
C TRP D 178 9.87 -20.56 3.37
N GLU D 179 9.10 -21.54 2.92
CA GLU D 179 9.51 -22.93 3.01
C GLU D 179 8.60 -23.85 2.21
N PHE D 180 9.20 -24.67 1.35
CA PHE D 180 8.44 -25.60 0.53
C PHE D 180 7.50 -26.41 1.39
N ASP D 181 6.33 -26.74 0.81
CA ASP D 181 5.32 -27.50 1.51
C ASP D 181 4.97 -26.70 2.76
N ALA D 182 4.40 -25.53 2.54
CA ALA D 182 4.00 -24.63 3.62
C ALA D 182 3.38 -23.35 3.05
N ASP E 2 18.39 5.00 14.50
CA ASP E 2 18.77 6.25 13.79
C ASP E 2 17.55 7.16 13.66
N THR E 3 17.80 8.47 13.58
CA THR E 3 16.72 9.46 13.46
C THR E 3 16.99 10.43 12.31
N ARG E 4 17.91 11.36 12.55
CA ARG E 4 18.35 12.37 11.59
C ARG E 4 17.44 12.56 10.36
N PRO E 5 16.59 13.60 10.36
CA PRO E 5 15.62 13.99 9.33
C PRO E 5 16.07 13.87 7.87
N ARG E 6 15.60 12.82 7.20
CA ARG E 6 15.93 12.61 5.81
C ARG E 6 15.18 13.56 4.88
N PHE E 7 15.89 14.16 3.94
CA PHE E 7 15.28 15.07 2.97
C PHE E 7 15.50 14.48 1.60
N LEU E 8 14.45 14.49 0.79
CA LEU E 8 14.51 13.89 -0.53
C LEU E 8 14.08 14.76 -1.70
N GLN E 9 14.88 14.74 -2.75
CA GLN E 9 14.56 15.50 -3.96
C GLN E 9 14.32 14.41 -4.99
N GLN E 10 13.23 14.52 -5.73
CA GLN E 10 12.91 13.50 -6.72
C GLN E 10 12.49 14.24 -7.98
N ASP E 11 13.15 13.92 -9.10
CA ASP E 11 12.83 14.54 -10.39
C ASP E 11 12.39 13.49 -11.41
N LYS E 12 11.23 13.73 -12.02
CA LYS E 12 10.68 12.80 -12.99
C LYS E 12 10.32 13.46 -14.31
N TYR E 13 10.84 12.89 -15.39
CA TYR E 13 10.57 13.34 -16.75
C TYR E 13 9.80 12.20 -17.39
N GLU E 14 8.53 12.45 -17.68
CA GLU E 14 7.67 11.44 -18.25
C GLU E 14 7.22 11.73 -19.69
N CYS E 15 7.32 10.69 -20.52
CA CYS E 15 6.91 10.75 -21.92
C CYS E 15 5.79 9.74 -22.10
N HIS E 16 4.58 10.27 -22.25
CA HIS E 16 3.39 9.45 -22.39
C HIS E 16 2.97 9.30 -23.84
N PHE E 17 2.97 8.06 -24.32
CA PHE E 17 2.62 7.77 -25.70
C PHE E 17 1.26 7.10 -25.87
N PHE E 18 0.44 7.67 -26.75
CA PHE E 18 -0.88 7.13 -27.07
C PHE E 18 -0.83 6.85 -28.57
N ASN E 19 -1.27 5.66 -29.00
CA ASN E 19 -1.24 5.32 -30.42
C ASN E 19 0.21 5.47 -30.87
N GLY E 20 1.08 4.57 -30.42
CA GLY E 20 2.47 4.67 -30.82
C GLY E 20 3.00 6.05 -30.45
N THR E 21 3.32 6.87 -31.45
CA THR E 21 3.82 8.23 -31.19
C THR E 21 2.91 9.29 -31.81
N GLU E 22 1.71 8.85 -32.18
CA GLU E 22 0.70 9.70 -32.80
C GLU E 22 0.25 10.85 -31.92
N ARG E 23 0.41 10.67 -30.60
CA ARG E 23 0.01 11.69 -29.63
C ARG E 23 0.88 11.48 -28.39
N VAL E 24 1.92 12.30 -28.27
CA VAL E 24 2.85 12.21 -27.15
C VAL E 24 2.64 13.32 -26.13
N ARG E 25 2.93 13.02 -24.87
CA ARG E 25 2.80 13.99 -23.79
C ARG E 25 4.07 13.96 -22.94
N PHE E 26 4.53 15.15 -22.57
CA PHE E 26 5.74 15.30 -21.78
C PHE E 26 5.46 15.97 -20.45
N LEU E 27 6.08 15.43 -19.38
CA LEU E 27 5.90 15.98 -18.05
C LEU E 27 7.19 16.07 -17.25
N HIS E 28 7.28 17.12 -16.45
CA HIS E 28 8.42 17.30 -15.55
C HIS E 28 7.82 17.46 -14.16
N ARG E 29 8.20 16.58 -13.26
CA ARG E 29 7.69 16.66 -11.91
C ARG E 29 8.84 16.90 -10.96
N ASP E 30 8.83 18.04 -10.29
CA ASP E 30 9.88 18.30 -9.29
C ASP E 30 9.21 17.84 -8.02
N ILE E 31 9.87 16.96 -7.27
CA ILE E 31 9.26 16.47 -6.06
C ILE E 31 10.12 16.62 -4.81
N TYR E 32 9.49 17.04 -3.72
CA TYR E 32 10.19 17.18 -2.47
C TYR E 32 9.62 16.14 -1.52
N ASN E 33 10.51 15.37 -0.90
CA ASN E 33 10.12 14.32 0.03
C ASN E 33 9.07 13.38 -0.57
N GLN E 34 7.81 13.79 -0.52
CA GLN E 34 6.75 12.95 -1.04
C GLN E 34 5.62 13.75 -1.68
N GLU E 35 5.85 15.03 -1.93
CA GLU E 35 4.82 15.85 -2.55
C GLU E 35 5.32 16.55 -3.81
N GLU E 36 4.47 16.57 -4.85
CA GLU E 36 4.82 17.23 -6.10
C GLU E 36 4.54 18.73 -5.97
N ASP E 37 5.59 19.54 -6.13
CA ASP E 37 5.45 20.99 -6.01
C ASP E 37 5.54 21.74 -7.32
N LEU E 38 6.43 21.30 -8.19
CA LEU E 38 6.59 21.94 -9.47
C LEU E 38 6.29 20.95 -10.58
N ARG E 39 5.67 21.41 -11.66
CA ARG E 39 5.32 20.50 -12.74
C ARG E 39 5.12 21.14 -14.12
N PHE E 40 5.86 20.66 -15.11
CA PHE E 40 5.71 21.16 -16.47
C PHE E 40 4.91 20.15 -17.28
N ASP E 41 3.81 20.62 -17.85
CA ASP E 41 2.96 19.76 -18.66
C ASP E 41 3.07 20.20 -20.10
N SER E 42 3.37 19.26 -20.99
CA SER E 42 3.50 19.55 -22.42
C SER E 42 2.19 20.08 -22.97
N ASP E 43 1.09 19.74 -22.31
CA ASP E 43 -0.24 20.19 -22.74
C ASP E 43 -0.64 21.56 -22.17
N VAL E 44 0.22 22.14 -21.33
CA VAL E 44 -0.09 23.45 -20.76
C VAL E 44 0.87 24.50 -21.28
N GLY E 45 2.07 24.06 -21.64
CA GLY E 45 3.07 24.98 -22.16
C GLY E 45 4.05 25.51 -21.16
N GLU E 46 3.55 25.98 -20.02
CA GLU E 46 4.37 26.55 -18.98
C GLU E 46 4.45 25.68 -17.73
N TYR E 47 5.17 26.19 -16.73
CA TYR E 47 5.30 25.50 -15.46
C TYR E 47 4.16 25.94 -14.54
N ARG E 48 3.77 25.03 -13.65
CA ARG E 48 2.71 25.30 -12.68
C ARG E 48 3.25 24.86 -11.32
N ALA E 49 2.99 25.64 -10.28
CA ALA E 49 3.46 25.27 -8.95
C ALA E 49 2.27 24.64 -8.22
N VAL E 50 2.35 23.33 -7.98
CA VAL E 50 1.28 22.63 -7.29
C VAL E 50 1.14 23.16 -5.86
N THR E 51 2.24 23.11 -5.10
CA THR E 51 2.24 23.61 -3.72
C THR E 51 3.10 24.85 -3.62
N GLU E 52 2.84 25.69 -2.63
CA GLU E 52 3.63 26.91 -2.48
C GLU E 52 5.13 26.72 -2.52
N LEU E 53 5.58 25.50 -2.32
CA LEU E 53 7.01 25.21 -2.32
C LEU E 53 7.68 25.47 -3.67
N GLY E 54 6.91 25.38 -4.75
CA GLY E 54 7.47 25.59 -6.08
C GLY E 54 7.28 26.99 -6.62
N ARG E 55 6.33 27.72 -6.03
CA ARG E 55 6.00 29.08 -6.45
C ARG E 55 7.13 29.84 -7.15
N PRO E 56 8.26 30.08 -6.47
CA PRO E 56 9.37 30.82 -7.09
C PRO E 56 9.83 30.16 -8.39
N ASP E 57 10.38 28.96 -8.26
CA ASP E 57 10.87 28.19 -9.40
C ASP E 57 9.90 28.28 -10.54
N ALA E 58 8.68 27.81 -10.31
CA ALA E 58 7.65 27.84 -11.34
C ALA E 58 7.51 29.22 -11.99
N GLU E 59 7.19 30.24 -11.18
CA GLU E 59 7.01 31.58 -11.70
C GLU E 59 8.26 32.14 -12.37
N TYR E 60 9.40 31.51 -12.13
CA TYR E 60 10.63 31.96 -12.74
C TYR E 60 10.83 31.30 -14.11
N TRP E 61 10.96 29.98 -14.14
CA TRP E 61 11.16 29.27 -15.39
C TRP E 61 10.35 29.87 -16.52
N ASN E 62 9.05 30.07 -16.29
CA ASN E 62 8.19 30.63 -17.32
C ASN E 62 8.63 32.02 -17.77
N SER E 63 9.45 32.68 -16.96
CA SER E 63 9.92 34.03 -17.27
C SER E 63 10.78 34.11 -18.53
N GLN E 64 11.67 33.14 -18.69
CA GLN E 64 12.57 33.08 -19.85
C GLN E 64 12.08 32.12 -20.93
N LYS E 65 11.52 32.67 -22.00
CA LYS E 65 10.99 31.89 -23.13
C LYS E 65 12.09 31.18 -23.91
N ASP E 66 13.20 30.92 -23.23
CA ASP E 66 14.35 30.24 -23.81
C ASP E 66 14.30 28.85 -23.22
N PHE E 67 14.41 28.81 -21.90
CA PHE E 67 14.35 27.60 -21.09
C PHE E 67 12.96 27.02 -21.26
N LEU E 68 11.96 27.88 -21.14
CA LEU E 68 10.56 27.51 -21.28
C LEU E 68 10.24 27.07 -22.71
N GLU E 69 11.10 27.45 -23.65
CA GLU E 69 10.89 27.07 -25.04
C GLU E 69 11.71 25.82 -25.33
N ASP E 70 12.72 25.60 -24.50
CA ASP E 70 13.59 24.46 -24.65
C ASP E 70 12.87 23.17 -24.23
N ARG E 71 12.06 23.27 -23.17
CA ARG E 71 11.29 22.14 -22.64
C ARG E 71 10.12 21.77 -23.55
N ARG E 72 9.58 22.76 -24.25
CA ARG E 72 8.45 22.55 -25.14
C ARG E 72 8.64 21.47 -26.20
N ALA E 73 9.75 21.56 -26.94
CA ALA E 73 10.05 20.62 -28.03
C ALA E 73 10.55 19.24 -27.61
N ALA E 74 10.64 18.99 -26.30
CA ALA E 74 11.09 17.70 -25.81
C ALA E 74 10.15 16.61 -26.31
N VAL E 75 8.90 16.99 -26.59
CA VAL E 75 7.90 16.07 -27.09
C VAL E 75 8.47 15.33 -28.31
N ASP E 76 9.37 16.00 -29.01
CA ASP E 76 10.01 15.46 -30.20
C ASP E 76 11.49 15.20 -29.95
N THR E 77 12.22 16.24 -29.54
CA THR E 77 13.65 16.14 -29.29
C THR E 77 14.03 15.11 -28.23
N TYR E 78 13.13 14.91 -27.26
CA TYR E 78 13.34 13.99 -26.16
C TYR E 78 12.45 12.75 -26.21
N CYS E 79 11.14 12.96 -26.16
CA CYS E 79 10.19 11.87 -26.17
C CYS E 79 10.27 11.01 -27.43
N ARG E 80 9.65 11.45 -28.51
CA ARG E 80 9.64 10.71 -29.76
C ARG E 80 11.01 10.12 -30.15
N HIS E 81 12.08 10.85 -29.84
CA HIS E 81 13.41 10.34 -30.15
C HIS E 81 13.70 9.09 -29.32
N ASN E 82 13.72 9.24 -28.00
CA ASN E 82 14.00 8.11 -27.12
C ASN E 82 13.11 6.91 -27.37
N TYR E 83 11.93 7.16 -27.94
CA TYR E 83 10.99 6.09 -28.21
C TYR E 83 11.60 5.10 -29.19
N GLY E 84 12.00 5.61 -30.35
CA GLY E 84 12.57 4.78 -31.39
C GLY E 84 13.98 4.28 -31.10
N VAL E 85 14.70 5.00 -30.23
CA VAL E 85 16.06 4.62 -29.88
C VAL E 85 16.09 3.21 -29.30
N GLY E 86 14.93 2.62 -29.10
CA GLY E 86 14.91 1.28 -28.55
C GLY E 86 13.56 0.58 -28.59
N GLU E 87 12.65 1.09 -29.42
CA GLU E 87 11.33 0.47 -29.53
C GLU E 87 11.52 -0.94 -30.06
N SER E 88 12.78 -1.29 -30.29
CA SER E 88 13.17 -2.58 -30.81
C SER E 88 13.08 -3.65 -29.72
N PHE E 89 13.80 -3.39 -28.61
CA PHE E 89 13.87 -4.30 -27.47
C PHE E 89 12.84 -4.03 -26.38
N THR E 90 12.15 -2.89 -26.47
CA THR E 90 11.14 -2.58 -25.48
C THR E 90 9.75 -2.65 -26.08
N VAL E 91 9.35 -1.58 -26.75
CA VAL E 91 8.03 -1.49 -27.36
C VAL E 91 7.71 -2.64 -28.31
N GLN E 92 8.61 -3.59 -28.47
CA GLN E 92 8.35 -4.72 -29.35
C GLN E 92 8.87 -6.03 -28.79
N ARG E 93 9.49 -5.96 -27.62
CA ARG E 93 10.01 -7.16 -26.98
C ARG E 93 8.83 -8.15 -26.87
N ARG E 94 9.14 -9.40 -26.55
CA ARG E 94 8.12 -10.43 -26.41
C ARG E 94 8.68 -11.76 -25.95
N VAL E 95 8.34 -12.17 -24.74
CA VAL E 95 8.79 -13.44 -24.21
C VAL E 95 7.56 -14.36 -24.24
N GLU E 96 7.76 -15.66 -24.32
CA GLU E 96 6.62 -16.55 -24.40
C GLU E 96 6.25 -17.18 -23.07
N PRO E 97 4.97 -17.11 -22.70
CA PRO E 97 4.47 -17.67 -21.45
C PRO E 97 4.85 -19.13 -21.34
N LYS E 98 5.24 -19.57 -20.15
CA LYS E 98 5.56 -20.96 -19.96
C LYS E 98 4.46 -21.39 -19.02
N VAL E 99 3.36 -21.87 -19.59
CA VAL E 99 2.21 -22.27 -18.81
C VAL E 99 2.28 -23.68 -18.25
N THR E 100 1.89 -23.83 -16.99
CA THR E 100 1.90 -25.11 -16.29
C THR E 100 0.65 -25.24 -15.40
N VAL E 101 0.24 -26.47 -15.12
CA VAL E 101 -0.94 -26.69 -14.30
C VAL E 101 -0.67 -27.72 -13.22
N TYR E 102 -1.05 -27.39 -11.99
CA TYR E 102 -0.87 -28.27 -10.83
C TYR E 102 -1.86 -27.94 -9.73
N PRO E 103 -2.36 -28.95 -9.01
CA PRO E 103 -3.30 -28.61 -7.95
C PRO E 103 -2.50 -28.12 -6.74
N ALA E 104 -3.19 -27.81 -5.66
CA ALA E 104 -2.53 -27.36 -4.45
C ALA E 104 -3.20 -28.15 -3.34
N ARG E 105 -2.41 -28.66 -2.41
CA ARG E 105 -2.93 -29.45 -1.29
C ARG E 105 -4.14 -30.29 -1.72
N THR E 106 -3.95 -31.05 -2.80
CA THR E 106 -5.01 -31.89 -3.36
C THR E 106 -4.78 -33.40 -3.20
N GLN E 107 -4.15 -33.79 -2.09
CA GLN E 107 -3.89 -35.19 -1.84
C GLN E 107 -5.20 -35.86 -1.43
N THR E 108 -6.30 -35.18 -1.72
CA THR E 108 -7.64 -35.68 -1.41
C THR E 108 -8.62 -35.40 -2.54
N LEU E 109 -8.37 -35.98 -3.71
CA LEU E 109 -9.27 -35.79 -4.84
C LEU E 109 -10.56 -36.53 -4.46
N GLN E 110 -11.69 -36.09 -5.01
CA GLN E 110 -13.02 -36.65 -4.72
C GLN E 110 -13.79 -35.74 -3.76
N HIS E 111 -13.12 -34.69 -3.30
CA HIS E 111 -13.69 -33.68 -2.41
C HIS E 111 -13.10 -32.34 -2.85
N HIS E 112 -13.88 -31.27 -2.75
CA HIS E 112 -13.50 -29.92 -3.17
C HIS E 112 -12.02 -29.66 -3.51
N ASN E 113 -11.78 -28.67 -4.36
CA ASN E 113 -10.42 -28.39 -4.72
C ASN E 113 -10.07 -27.00 -5.20
N LEU E 114 -8.90 -26.91 -5.85
CA LEU E 114 -8.41 -25.65 -6.35
C LEU E 114 -7.21 -25.94 -7.23
N LEU E 115 -7.40 -25.87 -8.55
CA LEU E 115 -6.35 -26.11 -9.55
C LEU E 115 -5.63 -24.82 -9.86
N VAL E 116 -4.33 -24.90 -10.10
CA VAL E 116 -3.59 -23.70 -10.38
C VAL E 116 -2.96 -23.65 -11.75
N CYS E 117 -3.28 -22.62 -12.52
CA CYS E 117 -2.65 -22.46 -13.81
C CYS E 117 -1.58 -21.42 -13.54
N SER E 118 -0.32 -21.82 -13.63
CA SER E 118 0.78 -20.93 -13.37
C SER E 118 1.46 -20.38 -14.65
N VAL E 119 0.96 -19.28 -15.17
CA VAL E 119 1.50 -18.68 -16.39
C VAL E 119 2.72 -17.81 -16.08
N ASN E 120 3.92 -18.38 -16.12
CA ASN E 120 5.12 -17.62 -15.77
C ASN E 120 6.11 -17.24 -16.88
N GLY E 121 6.73 -16.06 -16.73
CA GLY E 121 7.74 -15.61 -17.66
C GLY E 121 7.45 -14.88 -18.95
N PHE E 122 6.20 -14.52 -19.21
CA PHE E 122 5.91 -13.81 -20.44
C PHE E 122 6.32 -12.35 -20.28
N TYR E 123 6.24 -11.53 -21.33
CA TYR E 123 6.57 -10.13 -21.14
C TYR E 123 5.47 -9.13 -21.42
N PRO E 124 5.30 -8.70 -22.68
CA PRO E 124 4.23 -7.71 -22.87
C PRO E 124 3.12 -7.94 -21.83
N GLY E 125 2.93 -6.94 -20.97
CA GLY E 125 1.94 -7.05 -19.92
C GLY E 125 0.71 -7.84 -20.32
N SER E 126 -0.03 -7.29 -21.28
CA SER E 126 -1.26 -7.88 -21.82
C SER E 126 -1.25 -9.42 -21.95
N ILE E 127 -2.36 -10.06 -21.54
CA ILE E 127 -2.51 -11.51 -21.58
C ILE E 127 -3.91 -11.86 -21.14
N GLU E 128 -4.31 -13.11 -21.34
CA GLU E 128 -5.63 -13.58 -20.91
C GLU E 128 -5.59 -15.05 -20.58
N VAL E 129 -6.31 -15.45 -19.55
CA VAL E 129 -6.28 -16.84 -19.16
C VAL E 129 -7.69 -17.35 -18.89
N ARG E 130 -8.09 -18.39 -19.63
CA ARG E 130 -9.41 -18.96 -19.47
C ARG E 130 -9.29 -20.39 -18.98
N TRP E 131 -10.31 -20.83 -18.27
CA TRP E 131 -10.38 -22.19 -17.74
C TRP E 131 -11.48 -22.93 -18.45
N PHE E 132 -11.31 -24.24 -18.60
CA PHE E 132 -12.32 -25.06 -19.25
C PHE E 132 -12.45 -26.41 -18.62
N ARG E 133 -13.68 -26.73 -18.24
CA ARG E 133 -13.95 -28.03 -17.66
C ARG E 133 -14.72 -28.73 -18.76
N ASN E 134 -14.11 -29.76 -19.33
CA ASN E 134 -14.76 -30.49 -20.40
C ASN E 134 -15.25 -29.50 -21.47
N SER E 135 -14.31 -28.74 -22.03
CA SER E 135 -14.63 -27.77 -23.07
C SER E 135 -15.78 -26.82 -22.77
N GLN E 136 -16.07 -26.63 -21.48
CA GLN E 136 -17.13 -25.72 -21.05
C GLN E 136 -16.35 -24.57 -20.42
N GLU E 137 -16.53 -23.35 -20.91
CA GLU E 137 -15.78 -22.24 -20.35
C GLU E 137 -16.17 -21.90 -18.94
N GLU E 138 -15.45 -22.49 -17.99
CA GLU E 138 -15.67 -22.27 -16.57
C GLU E 138 -15.26 -20.84 -16.33
N LYS E 139 -16.20 -20.02 -15.88
CA LYS E 139 -15.93 -18.61 -15.62
C LYS E 139 -16.18 -18.31 -14.15
N ALA E 140 -17.10 -19.06 -13.55
CA ALA E 140 -17.42 -18.85 -12.16
C ALA E 140 -16.50 -19.67 -11.27
N GLY E 141 -15.93 -19.02 -10.26
CA GLY E 141 -15.05 -19.72 -9.35
C GLY E 141 -13.60 -19.62 -9.77
N VAL E 142 -13.23 -18.46 -10.31
CA VAL E 142 -11.87 -18.25 -10.76
C VAL E 142 -11.13 -17.18 -9.98
N VAL E 143 -10.23 -17.63 -9.12
CA VAL E 143 -9.40 -16.76 -8.32
C VAL E 143 -8.14 -16.43 -9.11
N SER E 144 -7.89 -15.15 -9.31
CA SER E 144 -6.72 -14.72 -10.06
C SER E 144 -5.74 -13.93 -9.18
N THR E 145 -4.51 -13.79 -9.64
CA THR E 145 -3.50 -13.06 -8.86
C THR E 145 -3.05 -11.81 -9.59
N GLY E 146 -3.55 -11.60 -10.80
CA GLY E 146 -3.15 -10.42 -11.55
C GLY E 146 -1.70 -10.41 -11.98
N LEU E 147 -1.35 -9.50 -12.90
CA LEU E 147 0.02 -9.38 -13.40
C LEU E 147 0.96 -9.14 -12.22
N ILE E 148 2.02 -9.93 -12.15
CA ILE E 148 3.00 -9.86 -11.07
C ILE E 148 4.41 -9.57 -11.56
N GLN E 149 4.74 -8.29 -11.70
CA GLN E 149 6.08 -7.88 -12.15
C GLN E 149 7.18 -8.64 -11.38
N ASN E 150 8.05 -9.34 -12.11
CA ASN E 150 9.14 -10.08 -11.49
C ASN E 150 10.34 -9.16 -11.36
N GLY E 151 10.24 -7.98 -11.97
CA GLY E 151 11.33 -7.01 -11.90
C GLY E 151 12.33 -7.12 -13.03
N ASP E 152 12.51 -8.35 -13.52
CA ASP E 152 13.44 -8.66 -14.60
C ASP E 152 12.78 -8.64 -15.98
N TRP E 153 12.10 -7.54 -16.31
CA TRP E 153 11.42 -7.44 -17.59
C TRP E 153 10.46 -8.57 -17.99
N THR E 154 9.89 -9.29 -17.02
CA THR E 154 8.90 -10.35 -17.30
C THR E 154 7.94 -10.50 -16.13
N PHE E 155 6.65 -10.64 -16.45
CA PHE E 155 5.60 -10.81 -15.44
C PHE E 155 5.35 -12.29 -15.22
N GLN E 156 4.34 -12.59 -14.41
CA GLN E 156 3.92 -13.96 -14.13
C GLN E 156 2.58 -13.85 -13.44
N THR E 157 1.80 -14.90 -13.48
CA THR E 157 0.50 -14.81 -12.85
C THR E 157 0.03 -16.19 -12.55
N LEU E 158 -1.01 -16.27 -11.75
CA LEU E 158 -1.59 -17.55 -11.39
C LEU E 158 -3.09 -17.36 -11.41
N VAL E 159 -3.78 -18.29 -12.04
CA VAL E 159 -5.21 -18.23 -12.11
C VAL E 159 -5.69 -19.56 -11.59
N MET E 160 -6.31 -19.53 -10.43
CA MET E 160 -6.79 -20.73 -9.76
C MET E 160 -8.27 -20.94 -9.93
N LEU E 161 -8.62 -22.13 -10.37
CA LEU E 161 -10.00 -22.50 -10.63
C LEU E 161 -10.48 -23.46 -9.55
N GLU E 162 -11.31 -22.98 -8.64
CA GLU E 162 -11.77 -23.88 -7.60
C GLU E 162 -12.88 -24.77 -8.12
N THR E 163 -12.66 -26.08 -8.04
CA THR E 163 -13.66 -27.04 -8.50
C THR E 163 -13.55 -28.33 -7.70
N VAL E 164 -14.47 -29.23 -7.98
CA VAL E 164 -14.49 -30.52 -7.32
C VAL E 164 -14.23 -31.62 -8.36
N PRO E 165 -12.95 -31.87 -8.69
CA PRO E 165 -12.57 -32.90 -9.66
C PRO E 165 -13.42 -34.14 -9.50
N ARG E 166 -13.96 -34.61 -10.62
CA ARG E 166 -14.81 -35.78 -10.62
C ARG E 166 -14.36 -36.72 -11.74
N SER E 167 -13.31 -37.49 -11.44
CA SER E 167 -12.71 -38.46 -12.34
C SER E 167 -13.39 -38.62 -13.69
N GLY E 168 -12.63 -38.37 -14.75
CA GLY E 168 -13.19 -38.50 -16.07
C GLY E 168 -13.18 -37.15 -16.74
N GLU E 169 -13.09 -36.10 -15.93
CA GLU E 169 -13.08 -34.74 -16.46
C GLU E 169 -11.65 -34.34 -16.82
N VAL E 170 -11.54 -33.43 -17.78
CA VAL E 170 -10.24 -32.92 -18.19
C VAL E 170 -10.32 -31.41 -18.12
N TYR E 171 -9.62 -30.83 -17.16
CA TYR E 171 -9.61 -29.39 -17.02
C TYR E 171 -8.57 -28.88 -17.99
N THR E 172 -8.72 -27.63 -18.42
CA THR E 172 -7.80 -27.09 -19.39
C THR E 172 -7.66 -25.60 -19.29
N CYS E 173 -6.42 -25.16 -19.13
CA CYS E 173 -6.11 -23.76 -19.04
C CYS E 173 -5.75 -23.28 -20.44
N GLN E 174 -6.14 -22.06 -20.80
CA GLN E 174 -5.85 -21.52 -22.13
C GLN E 174 -5.23 -20.13 -21.98
N VAL E 175 -4.12 -19.87 -22.69
CA VAL E 175 -3.45 -18.57 -22.57
C VAL E 175 -3.24 -17.85 -23.89
N GLU E 176 -3.75 -16.63 -24.01
CA GLU E 176 -3.58 -15.84 -25.23
C GLU E 176 -2.67 -14.69 -24.90
N HIS E 177 -1.48 -14.71 -25.47
CA HIS E 177 -0.52 -13.64 -25.25
C HIS E 177 -0.13 -13.14 -26.63
N PRO E 178 0.23 -11.85 -26.76
CA PRO E 178 0.61 -11.36 -28.09
C PRO E 178 1.90 -12.03 -28.53
N SER E 179 2.40 -12.92 -27.67
CA SER E 179 3.62 -13.66 -27.93
C SER E 179 3.35 -14.77 -28.94
N VAL E 180 2.13 -15.30 -28.95
CA VAL E 180 1.80 -16.36 -29.86
C VAL E 180 0.59 -16.05 -30.75
N THR E 181 0.25 -17.02 -31.58
CA THR E 181 -0.88 -16.92 -32.49
C THR E 181 -1.74 -18.14 -32.19
N SER E 182 -1.06 -19.14 -31.65
CA SER E 182 -1.68 -20.37 -31.26
C SER E 182 -1.89 -20.29 -29.77
N PRO E 183 -3.07 -19.85 -29.33
CA PRO E 183 -3.33 -19.74 -27.90
C PRO E 183 -2.94 -21.02 -27.16
N LEU E 184 -1.97 -20.89 -26.26
CA LEU E 184 -1.47 -22.02 -25.47
C LEU E 184 -2.52 -22.73 -24.65
N THR E 185 -2.40 -24.05 -24.54
CA THR E 185 -3.32 -24.84 -23.76
C THR E 185 -2.56 -25.89 -22.95
N VAL E 186 -3.12 -26.24 -21.78
CA VAL E 186 -2.54 -27.25 -20.90
C VAL E 186 -3.70 -27.97 -20.23
N GLU E 187 -3.58 -29.28 -20.10
CA GLU E 187 -4.66 -30.03 -19.50
C GLU E 187 -4.20 -30.69 -18.22
N TRP E 188 -5.20 -31.08 -17.45
CA TRP E 188 -5.01 -31.76 -16.19
C TRP E 188 -6.32 -32.50 -16.07
N ARG E 189 -6.28 -33.83 -16.05
CA ARG E 189 -7.51 -34.59 -15.95
C ARG E 189 -7.64 -35.32 -14.64
N ALA E 190 -8.88 -35.38 -14.15
CA ALA E 190 -9.20 -36.03 -12.89
C ALA E 190 -8.71 -37.49 -12.87
N GLY F 1 17.83 1.08 -32.51
CA GLY F 1 18.88 1.47 -31.53
C GLY F 1 19.33 2.92 -31.67
N GLY F 2 20.48 3.26 -31.09
CA GLY F 2 20.99 4.62 -31.17
C GLY F 2 21.50 5.18 -29.85
N VAL F 3 21.08 6.39 -29.51
CA VAL F 3 21.51 7.01 -28.27
C VAL F 3 20.38 7.76 -27.56
N TYR F 4 20.36 7.57 -26.24
CA TYR F 4 19.36 8.18 -25.39
C TYR F 4 19.63 9.62 -25.01
N HIS F 5 18.55 10.41 -24.94
CA HIS F 5 18.64 11.79 -24.57
C HIS F 5 18.06 11.95 -23.17
N PHE F 6 18.71 12.77 -22.34
CA PHE F 6 18.21 13.00 -21.00
C PHE F 6 18.04 14.50 -20.82
N VAL F 7 16.92 14.92 -20.24
CA VAL F 7 16.69 16.33 -20.02
C VAL F 7 17.64 16.75 -18.91
N LYS F 8 18.11 18.00 -18.95
CA LYS F 8 19.04 18.47 -17.95
C LYS F 8 18.38 19.27 -16.83
N LYS F 9 18.91 19.08 -15.62
CA LYS F 9 18.40 19.74 -14.42
C LYS F 9 19.02 21.13 -14.27
N HIS F 10 18.16 22.13 -14.16
CA HIS F 10 18.60 23.52 -13.98
C HIS F 10 18.03 24.04 -12.66
N VAL F 11 18.89 24.65 -11.84
CA VAL F 11 18.43 25.14 -10.55
C VAL F 11 18.37 26.66 -10.47
N HIS F 12 17.46 27.17 -9.64
CA HIS F 12 17.29 28.61 -9.46
C HIS F 12 17.11 29.02 -8.00
N GLU F 13 18.16 29.56 -7.40
CA GLU F 13 18.10 30.01 -6.02
C GLU F 13 17.51 31.41 -5.97
N SER F 14 16.53 31.61 -5.10
CA SER F 14 15.88 32.91 -4.95
C SER F 14 15.96 33.39 -3.50
C1 NAG G . -21.05 -1.35 -7.19
C2 NAG G . -20.41 -1.07 -8.54
C3 NAG G . -21.39 -0.33 -9.43
C4 NAG G . -22.54 -1.27 -9.75
C5 NAG G . -22.99 -2.05 -8.51
C6 NAG G . -22.55 -3.50 -8.51
C7 NAG G . -18.08 -0.74 -8.97
C8 NAG G . -18.04 -0.71 -10.49
N2 NAG G . -19.19 -0.32 -8.38
O3 NAG G . -20.74 0.09 -10.62
O4 NAG G . -23.65 -0.52 -10.29
O5 NAG G . -22.50 -1.43 -7.29
O6 NAG G . -21.29 -3.64 -9.15
O7 NAG G . -17.12 -1.16 -8.34
C1 NAG G . -24.23 -1.04 -11.45
C2 NAG G . -23.43 -0.61 -12.71
C3 NAG G . -23.49 0.91 -12.95
C4 NAG G . -24.78 1.52 -12.37
C5 NAG G . -25.93 0.50 -12.35
C6 NAG G . -26.31 -0.04 -13.72
C7 NAG G . -21.17 -0.78 -13.56
C8 NAG G . -20.25 0.42 -13.38
N2 NAG G . -22.04 -1.04 -12.59
O3 NAG G . -23.44 1.16 -14.34
O4 NAG G . -24.54 1.98 -11.04
O5 NAG G . -25.63 -0.64 -11.49
O6 NAG G . -27.65 -0.50 -13.74
O7 NAG G . -21.09 -1.47 -14.58
C1 NAG H . -9.07 22.64 -17.96
C2 NAG H . -8.47 23.82 -18.75
C3 NAG H . -8.79 23.62 -20.24
C4 NAG H . -8.09 22.32 -20.67
C5 NAG H . -8.62 21.14 -19.84
C6 NAG H . -7.83 19.86 -20.13
C7 NAG H . -8.12 26.13 -18.15
C8 NAG H . -8.20 27.21 -19.22
N2 NAG H . -8.96 25.10 -18.27
O3 NAG H . -8.31 24.72 -21.01
O4 NAG H . -8.31 22.10 -22.07
O5 NAG H . -8.47 21.40 -18.41
O6 NAG H . -8.63 18.90 -20.82
O7 NAG H . -7.30 26.23 -17.23
C1 NAG I . 20.86 -0.56 6.95
C2 NAG I . 21.55 0.76 6.57
C3 NAG I . 22.49 1.20 7.71
C4 NAG I . 21.78 1.18 9.08
C5 NAG I . 21.06 -0.15 9.29
C6 NAG I . 20.23 -0.17 10.56
C7 NAG I . 21.98 1.22 4.23
C8 NAG I . 21.18 0.47 3.19
N2 NAG I . 22.31 0.57 5.35
O3 NAG I . 22.98 2.51 7.45
O4 NAG I . 22.74 1.39 10.11
O5 NAG I . 20.16 -0.41 8.20
O6 NAG I . 19.05 -0.94 10.38
O7 NAG I . 22.32 2.39 4.02
C1 NAG J . 8.66 28.26 9.44
C2 NAG J . 8.72 29.77 9.83
C3 NAG J . 9.45 29.98 11.16
C4 NAG J . 8.86 29.06 12.24
C5 NAG J . 8.93 27.61 11.76
C6 NAG J . 8.37 26.63 12.77
C7 NAG J . 9.12 31.83 8.62
C8 NAG J . 10.14 32.82 9.17
N2 NAG J . 9.38 30.52 8.78
O3 NAG J . 9.32 31.33 11.57
O4 NAG J . 9.58 29.20 13.46
O5 NAG J . 8.15 27.47 10.54
O6 NAG J . 9.29 26.39 13.83
O7 NAG J . 8.11 32.24 8.03
#